data_1PUP
# 
_entry.id   1PUP 
# 
_audit_conform.dict_name       mmcif_pdbx.dic 
_audit_conform.dict_version    5.381 
_audit_conform.dict_location   http://mmcif.pdb.org/dictionaries/ascii/mmcif_pdbx.dic 
# 
loop_
_database_2.database_id 
_database_2.database_code 
_database_2.pdbx_database_accession 
_database_2.pdbx_DOI 
PDB   1PUP         pdb_00001pup 10.2210/pdb1pup/pdb 
RCSB  UPNA56       ?            ?                   
WWPDB D_1000175861 ?            ?                   
# 
_pdbx_database_status.status_code                     REL 
_pdbx_database_status.entry_id                        1PUP 
_pdbx_database_status.recvd_initial_deposition_date   1996-11-01 
_pdbx_database_status.deposit_site                    NDB 
_pdbx_database_status.process_site                    NDB 
_pdbx_database_status.SG_entry                        . 
_pdbx_database_status.status_code_sf                  ? 
_pdbx_database_status.status_code_mr                  ? 
_pdbx_database_status.status_code_cs                  ? 
_pdbx_database_status.pdb_format_compatible           Y 
_pdbx_database_status.status_code_nmr_data            ? 
_pdbx_database_status.methods_development_category    ? 
# 
loop_
_audit_author.name 
_audit_author.pdbx_ordinal 
'Rasmussen, H.' 1 
'Kastrup, J.S.' 2 
# 
loop_
_citation.id 
_citation.title 
_citation.journal_abbrev 
_citation.journal_volume 
_citation.page_first 
_citation.page_last 
_citation.year 
_citation.journal_id_ASTM 
_citation.country 
_citation.journal_id_ISSN 
_citation.journal_id_CSD 
_citation.book_publisher 
_citation.pdbx_database_id_PubMed 
_citation.pdbx_database_id_DOI 
primary 'Crystal structure of a peptide nucleic acid (PNA) duplex at 1.7 A resolution.' Nat.Struct.Biol. 4   98   101  1997 NSBIEW 
US 1072-8368 2024 ? 9033585 10.1038/nsb0297-98 
1       'A Nucleic Acid Triple Helix Formed by a Peptide Nucleic Acid-DNA Complex'      Science          270 1838 1841 1995 SCIEAS 
US 0036-8075 0038 ? ?       ?                  
2       'Solution Structure of a Petide Nucleic Acid-DNA Duplex'                        Nat.Struct.Biol. 3   410  413  1996 NSBIEW 
US 1072-8368 2024 ? ?       ?                  
3       'NMR Solution Structure of a Peptide Nucleic Acid Complexed with RNA'           Science          265 777  780  1994 SCIEAS 
US 0036-8075 0038 ? ?       ?                  
# 
loop_
_citation_author.citation_id 
_citation_author.name 
_citation_author.ordinal 
_citation_author.identifier_ORCID 
primary 'Rasmussen, H.' 1  ? 
primary 'Kastrup, J.S.' 2  ? 
primary 'Nielsen, J.N.' 3  ? 
primary 'Nielsen, J.M.' 4  ? 
primary 'Nielsen, P.E.' 5  ? 
1       'Betts, L.'     6  ? 
1       'Josey, J.A.'   7  ? 
1       'Veal, J.M.'    8  ? 
1       'Jordan, S.R.'  9  ? 
2       'Eriksson, M.'  10 ? 
2       'Nielsen, P.E.' 11 ? 
3       'Brown, S.C.'   12 ? 
3       'Thomson, S.A.' 13 ? 
3       'Veal, J.M.'    14 ? 
3       'Davis, D.G.'   15 ? 
# 
_cell.entry_id           1PUP 
_cell.length_a           17.970 
_cell.length_b           26.920 
_cell.length_c           33.780 
_cell.angle_alpha        88.20 
_cell.angle_beta         79.40 
_cell.angle_gamma        82.50 
_cell.Z_PDB              4 
_cell.pdbx_unique_axis   ? 
# 
_symmetry.entry_id                         1PUP 
_symmetry.space_group_name_H-M             'P -1' 
_symmetry.pdbx_full_space_group_name_H-M   ? 
_symmetry.cell_setting                     ? 
_symmetry.Int_Tables_number                2 
# 
loop_
_entity.id 
_entity.type 
_entity.src_method 
_entity.pdbx_description 
_entity.formula_weight 
_entity.pdbx_number_of_molecules 
_entity.pdbx_ec 
_entity.pdbx_mutation 
_entity.pdbx_fragment 
_entity.details 
1 polymer man 'PNA (H-P(*CPN*GPN*TPN*APN*CPN*GPN)-NH2)' 1585.633 2  ? ? ? ? 
2 water   nat water                                     18.015   82 ? ? ? ? 
# 
_entity_poly.entity_id                      1 
_entity_poly.type                           polydeoxyribonucleotide 
_entity_poly.nstd_linkage                   no 
_entity_poly.nstd_monomer                   yes 
_entity_poly.pdbx_seq_one_letter_code       '(CPN)(GPN)(TPN)(APN)(CPN)(GPN)(NH2)' 
_entity_poly.pdbx_seq_one_letter_code_can   XXXXXXX 
_entity_poly.pdbx_strand_id                 A,B 
_entity_poly.pdbx_target_identifier         ? 
# 
loop_
_entity_poly_seq.entity_id 
_entity_poly_seq.num 
_entity_poly_seq.mon_id 
_entity_poly_seq.hetero 
1 1 CPN n 
1 2 GPN n 
1 3 TPN n 
1 4 APN n 
1 5 CPN n 
1 6 GPN n 
1 7 NH2 n 
# 
_struct_ref.id                         1 
_struct_ref.entity_id                  1 
_struct_ref.db_name                    PDB 
_struct_ref.db_code                    1PUP 
_struct_ref.pdbx_db_accession          1PUP 
_struct_ref.pdbx_db_isoform            ? 
_struct_ref.pdbx_seq_one_letter_code   ? 
_struct_ref.pdbx_align_begin           ? 
# 
loop_
_struct_ref_seq.align_id 
_struct_ref_seq.ref_id 
_struct_ref_seq.pdbx_PDB_id_code 
_struct_ref_seq.pdbx_strand_id 
_struct_ref_seq.seq_align_beg 
_struct_ref_seq.pdbx_seq_align_beg_ins_code 
_struct_ref_seq.seq_align_end 
_struct_ref_seq.pdbx_seq_align_end_ins_code 
_struct_ref_seq.pdbx_db_accession 
_struct_ref_seq.db_align_beg 
_struct_ref_seq.pdbx_db_align_beg_ins_code 
_struct_ref_seq.db_align_end 
_struct_ref_seq.pdbx_db_align_end_ins_code 
_struct_ref_seq.pdbx_auth_seq_align_beg 
_struct_ref_seq.pdbx_auth_seq_align_end 
1 1 1PUP A 1 ? 7 ? 1PUP 1 ? 7  ? 1 7  
2 1 1PUP B 1 ? 7 ? 1PUP 8 ? 14 ? 8 14 
# 
loop_
_chem_comp.id 
_chem_comp.type 
_chem_comp.mon_nstd_flag 
_chem_comp.name 
_chem_comp.pdbx_synonyms 
_chem_comp.formula 
_chem_comp.formula_weight 
APN peptide-like . 2-AMINOETHYLGLYCINE-CARBONYLMETHYLENE-ADENINE  ? 'C11 H16 N7 O3 1' 294.290 
CPN peptide-like . 2-AMINOETHYLGLYCINE-CARBONYLMETHYLENE-CYTOSINE ? 'C10 H16 N5 O4 1' 270.265 
GPN peptide-like . 2-AMINOETHYLGLYCINE-CARBONYLMETHYLENE-GUANINE  ? 'C11 H16 N7 O4 1' 310.289 
HOH non-polymer  . WATER                                          ? 'H2 O'            18.015  
NH2 non-polymer  . 'AMINO GROUP'                                  ? 'H2 N'            16.023  
TPN peptide-like . 2-AMINOETHYLGLYCINE-CARBONYLMETHYLENE-THYMINE  ? 'C11 H17 N4 O5 1' 285.276 
# 
_exptl.entry_id          1PUP 
_exptl.method            'X-RAY DIFFRACTION' 
_exptl.crystals_number   1 
# 
_exptl_crystal.id                    1 
_exptl_crystal.density_meas          ? 
_exptl_crystal.density_Matthews      2.51 
_exptl_crystal.density_percent_sol   51.01 
_exptl_crystal.description           'DERIVATIVE DATA WERE COLLECTED AT EMBL, HAMBURG AT BEAMLINE X31 TO 1.9 A RESOLUTION.' 
# 
_exptl_crystal_grow.crystal_id      1 
_exptl_crystal_grow.method          'VAPOR DIFFUSION, HANGING DROP' 
_exptl_crystal_grow.temp            ? 
_exptl_crystal_grow.temp_details    ? 
_exptl_crystal_grow.pH              7.00 
_exptl_crystal_grow.pdbx_details    'pH 7.00, VAPOR DIFFUSION, HANGING DROP' 
_exptl_crystal_grow.pdbx_pH_range   ? 
# 
loop_
_exptl_crystal_grow_comp.crystal_id 
_exptl_crystal_grow_comp.id 
_exptl_crystal_grow_comp.sol_id 
_exptl_crystal_grow_comp.name 
_exptl_crystal_grow_comp.volume 
_exptl_crystal_grow_comp.conc 
_exptl_crystal_grow_comp.details 
1 1 1 WATER               ? ? ? 
1 2 1 NACL                ? ? ? 
1 3 1 MGCL2               ? ? ? 
1 4 1 'N(C16H33)(CH3)3BR' ? ? ? 
# 
_diffrn.id                     1 
_diffrn.ambient_temp           285.00 
_diffrn.ambient_temp_details   ? 
_diffrn.crystal_id             1 
# 
_diffrn_detector.diffrn_id              1 
_diffrn_detector.detector               'IMAGE PLATE' 
_diffrn_detector.type                   'RIGAKU RAXIS II' 
_diffrn_detector.pdbx_collection_date   1995-09-01 
_diffrn_detector.details                ? 
# 
_diffrn_radiation.diffrn_id                        1 
_diffrn_radiation.wavelength_id                    1 
_diffrn_radiation.pdbx_monochromatic_or_laue_m_l   M 
_diffrn_radiation.monochromator                    ? 
_diffrn_radiation.pdbx_diffrn_protocol             ? 
_diffrn_radiation.pdbx_scattering_type             x-ray 
# 
_diffrn_radiation_wavelength.id           1 
_diffrn_radiation_wavelength.wavelength   . 
_diffrn_radiation_wavelength.wt           1.0 
# 
_diffrn_source.diffrn_id                   1 
_diffrn_source.source                      'ROTATING ANODE' 
_diffrn_source.type                        'RIGAKU RU200' 
_diffrn_source.pdbx_synchrotron_site       ? 
_diffrn_source.pdbx_synchrotron_beamline   ? 
_diffrn_source.pdbx_wavelength             ? 
_diffrn_source.pdbx_wavelength_list        ? 
# 
_reflns.entry_id                     1PUP 
_reflns.observed_criterion_sigma_I   1.000 
_reflns.observed_criterion_sigma_F   ? 
_reflns.d_resolution_low             25.000 
_reflns.d_resolution_high            1.700 
_reflns.number_obs                   5222 
_reflns.number_all                   ? 
_reflns.percent_possible_obs         77.000 
_reflns.pdbx_Rmerge_I_obs            0.0320000 
_reflns.pdbx_Rsym_value              ? 
_reflns.pdbx_netI_over_sigmaI        13.100 
_reflns.B_iso_Wilson_estimate        15.80 
_reflns.pdbx_redundancy              1.900 
_reflns.pdbx_ordinal                 1 
_reflns.pdbx_diffrn_id               1 
# 
_reflns_shell.d_res_high             1.700 
_reflns_shell.d_res_low              1.900 
_reflns_shell.percent_possible_all   37.00 
_reflns_shell.Rmerge_I_obs           0.0580000 
_reflns_shell.pdbx_Rsym_value        ? 
_reflns_shell.meanI_over_sigI_obs    7.300 
_reflns_shell.pdbx_redundancy        1.900 
_reflns_shell.pdbx_ordinal           1 
_reflns_shell.pdbx_diffrn_id         1 
# 
_refine.entry_id                                 1PUP 
_refine.ls_number_reflns_obs                     5222 
_refine.ls_number_reflns_all                     ? 
_refine.pdbx_ls_sigma_I                          ? 
_refine.pdbx_ls_sigma_F                          2.000 
_refine.pdbx_data_cutoff_high_absF               100000.000 
_refine.pdbx_data_cutoff_low_absF                0.1000 
_refine.pdbx_data_cutoff_high_rms_absF           ? 
_refine.ls_d_res_low                             6.000 
_refine.ls_d_res_high                            1.700 
_refine.ls_percent_reflns_obs                    77.000 
_refine.ls_R_factor_obs                          0.2050000 
_refine.ls_R_factor_all                          0.2500000 
_refine.ls_R_factor_R_work                       0.2050000 
_refine.ls_R_factor_R_free                       0.2500000 
_refine.ls_R_factor_R_free_error                 ? 
_refine.ls_R_factor_R_free_error_details         ? 
_refine.ls_percent_reflns_R_free                 10.00 
_refine.ls_number_reflns_R_free                  530 
_refine.ls_number_parameters                     ? 
_refine.ls_number_restraints                     ? 
_refine.occupancy_min                            ? 
_refine.occupancy_max                            ? 
_refine.B_iso_mean                               11.70 
_refine.aniso_B[1][1]                            ? 
_refine.aniso_B[2][2]                            ? 
_refine.aniso_B[3][3]                            ? 
_refine.aniso_B[1][2]                            ? 
_refine.aniso_B[1][3]                            ? 
_refine.aniso_B[2][3]                            ? 
_refine.solvent_model_details                    ? 
_refine.solvent_model_param_ksol                 ? 
_refine.solvent_model_param_bsol                 ? 
_refine.pdbx_ls_cross_valid_method               ? 
_refine.details                                  ? 
_refine.pdbx_starting_model                      ? 
_refine.pdbx_method_to_determine_struct          SIR 
_refine.pdbx_isotropic_thermal_model             ? 
_refine.pdbx_stereochemistry_target_values       ? 
_refine.pdbx_stereochem_target_val_spec_case     ? 
_refine.pdbx_R_Free_selection_details            RANDOM 
_refine.pdbx_overall_ESU_R                       ? 
_refine.pdbx_overall_ESU_R_Free                  ? 
_refine.overall_SU_ML                            ? 
_refine.overall_SU_B                             ? 
_refine.pdbx_refine_id                           'X-RAY DIFFRACTION' 
_refine.pdbx_diffrn_id                           1 
_refine.pdbx_TLS_residual_ADP_flag               ? 
_refine.correlation_coeff_Fo_to_Fc               ? 
_refine.correlation_coeff_Fo_to_Fc_free          ? 
_refine.pdbx_solvent_vdw_probe_radii             ? 
_refine.pdbx_solvent_ion_probe_radii             ? 
_refine.pdbx_solvent_shrinkage_radii             ? 
_refine.pdbx_overall_phase_error                 ? 
_refine.overall_SU_R_Cruickshank_DPI             ? 
_refine.pdbx_overall_SU_R_free_Cruickshank_DPI   ? 
_refine.pdbx_overall_SU_R_Blow_DPI               ? 
_refine.pdbx_overall_SU_R_free_Blow_DPI          ? 
# 
_refine_hist.pdbx_refine_id                   'X-RAY DIFFRACTION' 
_refine_hist.cycle_id                         LAST 
_refine_hist.pdbx_number_atoms_protein        236 
_refine_hist.pdbx_number_atoms_nucleic_acid   0 
_refine_hist.pdbx_number_atoms_ligand         0 
_refine_hist.number_atoms_solvent             82 
_refine_hist.number_atoms_total               318 
_refine_hist.d_res_high                       1.700 
_refine_hist.d_res_low                        6.000 
# 
loop_
_refine_ls_restr.type 
_refine_ls_restr.dev_ideal 
_refine_ls_restr.dev_ideal_target 
_refine_ls_restr.weight 
_refine_ls_restr.number 
_refine_ls_restr.pdbx_refine_id 
_refine_ls_restr.pdbx_restraint_function 
x_bond_d                0.016 ? ? ? 'X-RAY DIFFRACTION' ? 
x_bond_d_na             ?     ? ? ? 'X-RAY DIFFRACTION' ? 
x_bond_d_prot           ?     ? ? ? 'X-RAY DIFFRACTION' ? 
x_angle_d               ?     ? ? ? 'X-RAY DIFFRACTION' ? 
x_angle_d_na            ?     ? ? ? 'X-RAY DIFFRACTION' ? 
x_angle_d_prot          ?     ? ? ? 'X-RAY DIFFRACTION' ? 
x_angle_deg             2.60  ? ? ? 'X-RAY DIFFRACTION' ? 
x_angle_deg_na          ?     ? ? ? 'X-RAY DIFFRACTION' ? 
x_angle_deg_prot        ?     ? ? ? 'X-RAY DIFFRACTION' ? 
x_dihedral_angle_d      ?     ? ? ? 'X-RAY DIFFRACTION' ? 
x_dihedral_angle_d_na   ?     ? ? ? 'X-RAY DIFFRACTION' ? 
x_dihedral_angle_d_prot ?     ? ? ? 'X-RAY DIFFRACTION' ? 
x_improper_angle_d      0.73  ? ? ? 'X-RAY DIFFRACTION' ? 
x_improper_angle_d_na   ?     ? ? ? 'X-RAY DIFFRACTION' ? 
x_improper_angle_d_prot ?     ? ? ? 'X-RAY DIFFRACTION' ? 
x_mcbond_it             ?     ? ? ? 'X-RAY DIFFRACTION' ? 
x_mcangle_it            ?     ? ? ? 'X-RAY DIFFRACTION' ? 
x_scbond_it             ?     ? ? ? 'X-RAY DIFFRACTION' ? 
x_scangle_it            ?     ? ? ? 'X-RAY DIFFRACTION' ? 
# 
_refine_ls_shell.pdbx_total_number_of_bins_used   8 
_refine_ls_shell.d_res_high                       1.70 
_refine_ls_shell.d_res_low                        1.78 
_refine_ls_shell.number_reflns_R_work             182 
_refine_ls_shell.R_factor_R_work                  0.2850000 
_refine_ls_shell.percent_reflns_obs               25.00 
_refine_ls_shell.R_factor_R_free                  0.1840000 
_refine_ls_shell.R_factor_R_free_error            ? 
_refine_ls_shell.percent_reflns_R_free            10.00 
_refine_ls_shell.number_reflns_R_free             21 
_refine_ls_shell.pdbx_refine_id                   'X-RAY DIFFRACTION' 
_refine_ls_shell.number_reflns_all                ? 
_refine_ls_shell.R_factor_all                     ? 
# 
_pdbx_xplor_file.serial_no        1 
_pdbx_xplor_file.param_file       PARAM.PNA 
_pdbx_xplor_file.topol_file       TOPH_JULY96.PNA 
_pdbx_xplor_file.pdbx_refine_id   'X-RAY DIFFRACTION' 
# 
_struct.entry_id                  1PUP 
_struct.title                     'CRYSTAL STRUCTURE OF A PEPTIDE NUCLEIC ACID (PNA) DUPLEX AT 1.7 ANGSTROMS RESOLUTION' 
_struct.pdbx_model_details        ? 
_struct.pdbx_CASP_flag            ? 
_struct.pdbx_model_type_details   ? 
# 
_struct_keywords.entry_id        1PUP 
_struct_keywords.pdbx_keywords   'PEPTIDE NUCLEIC ACID' 
_struct_keywords.text            'PEPTIDE NUCLEIC ACID, DNA ANALOGUE, DOUBLE HELIX' 
# 
loop_
_struct_asym.id 
_struct_asym.pdbx_blank_PDB_chainid_flag 
_struct_asym.pdbx_modified 
_struct_asym.entity_id 
_struct_asym.details 
A N N 1 ? 
B N N 1 ? 
C N N 2 ? 
D N N 2 ? 
# 
_struct_biol.id   1 
# 
loop_
_struct_conn.id 
_struct_conn.conn_type_id 
_struct_conn.pdbx_leaving_atom_flag 
_struct_conn.pdbx_PDB_id 
_struct_conn.ptnr1_label_asym_id 
_struct_conn.ptnr1_label_comp_id 
_struct_conn.ptnr1_label_seq_id 
_struct_conn.ptnr1_label_atom_id 
_struct_conn.pdbx_ptnr1_label_alt_id 
_struct_conn.pdbx_ptnr1_PDB_ins_code 
_struct_conn.pdbx_ptnr1_standard_comp_id 
_struct_conn.ptnr1_symmetry 
_struct_conn.ptnr2_label_asym_id 
_struct_conn.ptnr2_label_comp_id 
_struct_conn.ptnr2_label_seq_id 
_struct_conn.ptnr2_label_atom_id 
_struct_conn.pdbx_ptnr2_label_alt_id 
_struct_conn.pdbx_ptnr2_PDB_ins_code 
_struct_conn.ptnr1_auth_asym_id 
_struct_conn.ptnr1_auth_comp_id 
_struct_conn.ptnr1_auth_seq_id 
_struct_conn.ptnr2_auth_asym_id 
_struct_conn.ptnr2_auth_comp_id 
_struct_conn.ptnr2_auth_seq_id 
_struct_conn.ptnr2_symmetry 
_struct_conn.pdbx_ptnr3_label_atom_id 
_struct_conn.pdbx_ptnr3_label_seq_id 
_struct_conn.pdbx_ptnr3_label_comp_id 
_struct_conn.pdbx_ptnr3_label_asym_id 
_struct_conn.pdbx_ptnr3_label_alt_id 
_struct_conn.pdbx_ptnr3_PDB_ins_code 
_struct_conn.details 
_struct_conn.pdbx_dist_value 
_struct_conn.pdbx_value_order 
_struct_conn.pdbx_role 
covale1  covale both ? A CPN 1 C  ? ? ? 1_555 A GPN 2 N  ? ? A CPN 1  A GPN 2  1_555 ? ? ? ? ? ? ?            1.348 ? ? 
covale2  covale both ? A GPN 2 C  ? ? ? 1_555 A TPN 3 N  A ? A GPN 2  A TPN 3  1_555 ? ? ? ? ? ? ?            1.341 ? ? 
covale3  covale both ? A GPN 2 C  ? ? ? 1_555 A TPN 3 N  B ? A GPN 2  A TPN 3  1_555 ? ? ? ? ? ? ?            1.334 ? ? 
covale4  covale both ? A TPN 3 C  A ? ? 1_555 A APN 4 N  A ? A TPN 3  A APN 4  1_555 ? ? ? ? ? ? ?            1.332 ? ? 
covale5  covale both ? A TPN 3 C  B ? ? 1_555 A APN 4 N  B ? A TPN 3  A APN 4  1_555 ? ? ? ? ? ? ?            1.337 ? ? 
covale6  covale both ? A APN 4 C  A ? ? 1_555 A CPN 5 N  ? ? A APN 4  A CPN 5  1_555 ? ? ? ? ? ? ?            1.354 ? ? 
covale7  covale both ? A APN 4 C  B ? ? 1_555 A CPN 5 N  ? ? A APN 4  A CPN 5  1_555 ? ? ? ? ? ? ?            1.348 ? ? 
covale8  covale both ? A CPN 5 C  ? ? ? 1_555 A GPN 6 N  ? ? A CPN 5  A GPN 6  1_555 ? ? ? ? ? ? ?            1.346 ? ? 
covale9  covale both ? A GPN 6 C  ? ? ? 1_555 A NH2 7 N  ? ? A GPN 6  A NH2 7  1_555 ? ? ? ? ? ? ?            1.332 ? ? 
covale10 covale both ? B CPN 1 C  ? ? ? 1_555 B GPN 2 N  ? ? B CPN 8  B GPN 9  1_555 ? ? ? ? ? ? ?            1.323 ? ? 
covale11 covale both ? B GPN 2 C  ? ? ? 1_555 B TPN 3 N  A ? B GPN 9  B TPN 10 1_555 ? ? ? ? ? ? ?            1.347 ? ? 
covale12 covale both ? B GPN 2 C  ? ? ? 1_555 B TPN 3 N  B ? B GPN 9  B TPN 10 1_555 ? ? ? ? ? ? ?            1.342 ? ? 
covale13 covale both ? B TPN 3 C  A ? ? 1_555 B APN 4 N  A ? B TPN 10 B APN 11 1_555 ? ? ? ? ? ? ?            1.339 ? ? 
covale14 covale both ? B TPN 3 C  B ? ? 1_555 B APN 4 N  B ? B TPN 10 B APN 11 1_555 ? ? ? ? ? ? ?            1.339 ? ? 
covale15 covale both ? B APN 4 C  A ? ? 1_555 B CPN 5 N  ? ? B APN 11 B CPN 12 1_555 ? ? ? ? ? ? ?            1.334 ? ? 
covale16 covale both ? B APN 4 C  B ? ? 1_555 B CPN 5 N  ? ? B APN 11 B CPN 12 1_555 ? ? ? ? ? ? ?            1.335 ? ? 
covale17 covale both ? B CPN 5 C  ? ? ? 1_555 B GPN 6 N  ? ? B CPN 12 B GPN 13 1_555 ? ? ? ? ? ? ?            1.343 ? ? 
covale18 covale both ? B GPN 6 C  ? ? ? 1_555 B NH2 7 N  ? ? B GPN 13 B NH2 14 1_555 ? ? ? ? ? ? ?            1.249 ? ? 
hydrog1  hydrog ?    ? A CPN 1 N3 ? ? ? 1_555 B GPN 6 N1 ? ? A CPN 1  B GPN 13 1_555 ? ? ? ? ? ? WATSON-CRICK ?     ? ? 
hydrog2  hydrog ?    ? A CPN 1 N4 ? ? ? 1_555 B GPN 6 O6 ? ? A CPN 1  B GPN 13 1_555 ? ? ? ? ? ? WATSON-CRICK ?     ? ? 
hydrog3  hydrog ?    ? A CPN 1 O2 ? ? ? 1_555 B GPN 6 N2 ? ? A CPN 1  B GPN 13 1_555 ? ? ? ? ? ? WATSON-CRICK ?     ? ? 
hydrog4  hydrog ?    ? A GPN 2 N1 ? ? ? 1_555 B CPN 5 N3 ? ? A GPN 2  B CPN 12 1_555 ? ? ? ? ? ? WATSON-CRICK ?     ? ? 
hydrog5  hydrog ?    ? A GPN 2 N2 ? ? ? 1_555 B CPN 5 O2 ? ? A GPN 2  B CPN 12 1_555 ? ? ? ? ? ? WATSON-CRICK ?     ? ? 
hydrog6  hydrog ?    ? A GPN 2 O6 ? ? ? 1_555 B CPN 5 N4 ? ? A GPN 2  B CPN 12 1_555 ? ? ? ? ? ? WATSON-CRICK ?     ? ? 
hydrog7  hydrog ?    ? A TPN 3 N3 ? ? ? 1_555 B APN 4 N1 ? ? A TPN 3  B APN 11 1_555 ? ? ? ? ? ? WATSON-CRICK ?     ? ? 
hydrog8  hydrog ?    ? A TPN 3 O4 ? ? ? 1_555 B APN 4 N6 ? ? A TPN 3  B APN 11 1_555 ? ? ? ? ? ? WATSON-CRICK ?     ? ? 
hydrog9  hydrog ?    ? A APN 4 N1 ? ? ? 1_555 B TPN 3 N3 ? ? A APN 4  B TPN 10 1_555 ? ? ? ? ? ? WATSON-CRICK ?     ? ? 
hydrog10 hydrog ?    ? A APN 4 N6 ? ? ? 1_555 B TPN 3 O4 ? ? A APN 4  B TPN 10 1_555 ? ? ? ? ? ? WATSON-CRICK ?     ? ? 
hydrog11 hydrog ?    ? A CPN 5 N3 ? ? ? 1_555 B GPN 2 N1 ? ? A CPN 5  B GPN 9  1_555 ? ? ? ? ? ? WATSON-CRICK ?     ? ? 
hydrog12 hydrog ?    ? A CPN 5 N4 ? ? ? 1_555 B GPN 2 O6 ? ? A CPN 5  B GPN 9  1_555 ? ? ? ? ? ? WATSON-CRICK ?     ? ? 
hydrog13 hydrog ?    ? A CPN 5 O2 ? ? ? 1_555 B GPN 2 N2 ? ? A CPN 5  B GPN 9  1_555 ? ? ? ? ? ? WATSON-CRICK ?     ? ? 
hydrog14 hydrog ?    ? A GPN 6 N1 ? ? ? 1_555 B CPN 1 N3 ? ? A GPN 6  B CPN 8  1_555 ? ? ? ? ? ? WATSON-CRICK ?     ? ? 
hydrog15 hydrog ?    ? A GPN 6 N2 ? ? ? 1_555 B CPN 1 O2 ? ? A GPN 6  B CPN 8  1_555 ? ? ? ? ? ? WATSON-CRICK ?     ? ? 
hydrog16 hydrog ?    ? A GPN 6 O6 ? ? ? 1_555 B CPN 1 N4 ? ? A GPN 6  B CPN 8  1_555 ? ? ? ? ? ? WATSON-CRICK ?     ? ? 
# 
loop_
_struct_conn_type.id 
_struct_conn_type.criteria 
_struct_conn_type.reference 
covale ? ? 
hydrog ? ? 
# 
loop_
_struct_site.id 
_struct_site.pdbx_evidence_code 
_struct_site.pdbx_auth_asym_id 
_struct_site.pdbx_auth_comp_id 
_struct_site.pdbx_auth_seq_id 
_struct_site.pdbx_auth_ins_code 
_struct_site.pdbx_num_residues 
_struct_site.details 
AC1 Software A NH2 7  ? 3 'BINDING SITE FOR RESIDUE NH2 A 7'  
AC2 Software B NH2 14 ? 3 'BINDING SITE FOR RESIDUE NH2 B 14' 
# 
loop_
_struct_site_gen.id 
_struct_site_gen.site_id 
_struct_site_gen.pdbx_num_res 
_struct_site_gen.label_comp_id 
_struct_site_gen.label_asym_id 
_struct_site_gen.label_seq_id 
_struct_site_gen.pdbx_auth_ins_code 
_struct_site_gen.auth_comp_id 
_struct_site_gen.auth_asym_id 
_struct_site_gen.auth_seq_id 
_struct_site_gen.label_atom_id 
_struct_site_gen.label_alt_id 
_struct_site_gen.symmetry 
_struct_site_gen.details 
1 AC1 3 GPN A 6 ? GPN A 6  . ? 1_555 ? 
2 AC1 3 HOH C . ? HOH A 22 . ? 1_555 ? 
3 AC1 3 HOH D . ? HOH B 32 . ? 1_555 ? 
4 AC2 3 GPN B 6 ? GPN B 13 . ? 1_555 ? 
5 AC2 3 HOH D . ? HOH B 26 . ? 1_555 ? 
6 AC2 3 HOH D . ? HOH B 94 . ? 1_555 ? 
# 
_atom_sites.entry_id                    1PUP 
_atom_sites.fract_transf_matrix[1][1]   0.03789910 
_atom_sites.fract_transf_matrix[1][2]   -0.02438592 
_atom_sites.fract_transf_matrix[1][3]   0.03502448 
_atom_sites.fract_transf_matrix[2][1]   -0.00431051 
_atom_sites.fract_transf_matrix[2][2]   0.03192403 
_atom_sites.fract_transf_matrix[2][3]   0.01913657 
_atom_sites.fract_transf_matrix[3][1]   -0.02571719 
_atom_sites.fract_transf_matrix[3][2]   -0.01064108 
_atom_sites.fract_transf_matrix[3][3]   0.01151033 
_atom_sites.fract_transf_vector[1]      0.691169 
_atom_sites.fract_transf_vector[2]      0.878479 
_atom_sites.fract_transf_vector[3]      0.314013 
# 
loop_
_atom_type.symbol 
C 
N 
O 
# 
loop_
_atom_site.group_PDB 
_atom_site.id 
_atom_site.type_symbol 
_atom_site.label_atom_id 
_atom_site.label_alt_id 
_atom_site.label_comp_id 
_atom_site.label_asym_id 
_atom_site.label_entity_id 
_atom_site.label_seq_id 
_atom_site.pdbx_PDB_ins_code 
_atom_site.Cartn_x 
_atom_site.Cartn_y 
_atom_site.Cartn_z 
_atom_site.occupancy 
_atom_site.B_iso_or_equiv 
_atom_site.pdbx_formal_charge 
_atom_site.auth_seq_id 
_atom_site.auth_comp_id 
_atom_site.auth_asym_id 
_atom_site.auth_atom_id 
_atom_site.pdbx_PDB_model_num 
HETATM 1   C "C8'" . CPN A 1 1 ? 11.103  8.159   -4.730 1.00 15.16 ? 1  CPN A "C8'" 1 
HETATM 2   C "C7'" . CPN A 1 1 ? 11.553  7.647   -3.358 1.00 15.15 ? 1  CPN A "C7'" 1 
HETATM 3   O "O7'" . CPN A 1 1 ? 10.850  6.832   -2.743 1.00 15.21 ? 1  CPN A "O7'" 1 
HETATM 4   C "C5'" . CPN A 1 1 ? 12.951  7.865   -1.405 1.00 14.10 ? 1  CPN A "C5'" 1 
HETATM 5   C C     . CPN A 1 1 ? 11.954  8.336   -0.360 1.00 13.82 ? 1  CPN A C     1 
HETATM 6   O O     . CPN A 1 1 ? 11.405  9.445   -0.561 1.00 13.88 ? 1  CPN A O     1 
HETATM 7   N "N4'" . CPN A 1 1 ? 12.482  8.358   -2.703 1.00 15.33 ? 1  CPN A "N4'" 1 
HETATM 8   C "C3'" . CPN A 1 1 ? 13.486  9.167   -3.417 1.00 15.46 ? 1  CPN A "C3'" 1 
HETATM 9   C "C2'" . CPN A 1 1 ? 13.509  10.597  -2.808 1.00 15.70 ? 1  CPN A "C2'" 1 
HETATM 10  N N     . CPN A 1 1 ? 12.185  11.150  -2.546 1.00 15.44 ? 1  CPN A N     1 
HETATM 11  N N1    . CPN A 1 1 ? 10.072  7.258   -5.296 1.00 14.84 ? 1  CPN A N1    1 
HETATM 12  C C2    . CPN A 1 1 ? 8.756   7.580   -4.973 1.00 14.44 ? 1  CPN A C2    1 
HETATM 13  N N3    . CPN A 1 1 ? 7.754   6.835   -5.506 1.00 14.73 ? 1  CPN A N3    1 
HETATM 14  C C4    . CPN A 1 1 ? 8.024   5.804   -6.328 1.00 15.54 ? 1  CPN A C4    1 
HETATM 15  C C5    . CPN A 1 1 ? 9.374   5.444   -6.674 1.00 15.54 ? 1  CPN A C5    1 
HETATM 16  C C6    . CPN A 1 1 ? 10.354  6.205   -6.131 1.00 15.41 ? 1  CPN A C6    1 
HETATM 17  O O2    . CPN A 1 1 ? 8.504   8.491   -4.193 1.00 13.83 ? 1  CPN A O2    1 
HETATM 18  N N4    . CPN A 1 1 ? 7.019   5.089   -6.820 1.00 15.66 ? 1  CPN A N4    1 
HETATM 19  C "C8'" . GPN A 1 2 ? 8.433   6.660   -0.784 1.00 10.75 ? 2  GPN A "C8'" 1 
HETATM 20  C "C7'" . GPN A 1 2 ? 8.639   5.861   0.519  1.00 11.56 ? 2  GPN A "C7'" 1 
HETATM 21  O "O7'" . GPN A 1 2 ? 8.312   4.647   0.574  1.00 11.44 ? 2  GPN A "O7'" 1 
HETATM 22  C "C5'" . GPN A 1 2 ? 9.261   5.803   2.891  1.00 12.79 ? 2  GPN A "C5'" 1 
HETATM 23  C C     . GPN A 1 2 ? 8.042   5.758   3.804  1.00 13.48 ? 2  GPN A C     1 
HETATM 24  O O     . GPN A 1 2 ? 8.147   5.115   4.855  1.00 14.89 ? 2  GPN A O     1 
HETATM 25  N "N4'" . GPN A 1 2 ? 9.046   6.518   1.630  1.00 12.01 ? 2  GPN A "N4'" 1 
HETATM 26  C "C3'" . GPN A 1 2 ? 9.388   7.948   1.707  1.00 11.92 ? 2  GPN A "C3'" 1 
HETATM 27  C "C2'" . GPN A 1 2 ? 10.933  8.148   1.865  1.00 12.13 ? 2  GPN A "C2'" 1 
HETATM 28  N N     . GPN A 1 2 ? 11.679  7.595   0.731  1.00 12.34 ? 2  GPN A N     1 
HETATM 29  N N9    . GPN A 1 2 ? 7.765   5.777   -1.750 1.00 10.82 ? 2  GPN A N9    1 
HETATM 30  C C8    . GPN A 1 2 ? 8.332   4.975   -2.725 1.00 10.90 ? 2  GPN A C8    1 
HETATM 31  N N7    . GPN A 1 2 ? 7.448   4.259   -3.379 1.00 10.42 ? 2  GPN A N7    1 
HETATM 32  C C5    . GPN A 1 2 ? 6.233   4.606   -2.802 1.00 10.19 ? 2  GPN A C5    1 
HETATM 33  C C6    . GPN A 1 2 ? 4.918   4.140   -3.094 1.00 10.79 ? 2  GPN A C6    1 
HETATM 34  O O6    . GPN A 1 2 ? 4.572   3.254   -3.876 1.00 11.31 ? 2  GPN A O6    1 
HETATM 35  N N1    . GPN A 1 2 ? 3.960   4.734   -2.299 1.00 9.85  ? 2  GPN A N1    1 
HETATM 36  C C2    . GPN A 1 2 ? 4.213   5.658   -1.318 1.00 10.27 ? 2  GPN A C2    1 
HETATM 37  N N2    . GPN A 1 2 ? 3.160   6.143   -0.626 1.00 9.70  ? 2  GPN A N2    1 
HETATM 38  N N3    . GPN A 1 2 ? 5.462   6.088   -1.029 1.00 10.20 ? 2  GPN A N3    1 
HETATM 39  C C4    . GPN A 1 2 ? 6.412   5.522   -1.813 1.00 10.31 ? 2  GPN A C4    1 
HETATM 40  C "C8'" . TPN A 1 3 ? 4.615   4.181   1.866  1.00 9.74  ? 3  TPN A "C8'" 1 
HETATM 41  C "C7'" . TPN A 1 3 ? 4.830   3.591   3.251  1.00 10.79 ? 3  TPN A "C7'" 1 
HETATM 42  O "O7'" . TPN A 1 3 ? 5.004   2.364   3.385  1.00 9.97  ? 3  TPN A "O7'" 1 
HETATM 43  C "C5'" A TPN A 1 3 ? 5.124   3.993   5.652  0.46 12.41 ? 3  TPN A "C5'" 1 
HETATM 44  C "C5'" B TPN A 1 3 ? 4.748   3.948   5.634  0.50 11.67 ? 3  TPN A "C5'" 1 
HETATM 45  C C     A TPN A 1 3 ? 4.164   3.047   6.387  0.46 12.27 ? 3  TPN A C     1 
HETATM 46  C C     B TPN A 1 3 ? 3.306   3.656   6.002  0.50 10.63 ? 3  TPN A C     1 
HETATM 47  O O     A TPN A 1 3 ? 4.583   2.245   7.223  0.46 12.88 ? 3  TPN A O     1 
HETATM 48  O O     B TPN A 1 3 ? 2.385   4.190   5.384  0.50 10.72 ? 3  TPN A O     1 
HETATM 49  N "N4'" . TPN A 1 3 ? 4.842   4.446   4.279  1.00 11.66 ? 3  TPN A "N4'" 1 
HETATM 50  C "C3'" . TPN A 1 3 ? 4.563   5.904   4.169  1.00 12.47 ? 3  TPN A "C3'" 1 
HETATM 51  C "C2'" A TPN A 1 3 ? 5.860   6.729   4.350  0.46 13.14 ? 3  TPN A "C2'" 1 
HETATM 52  C "C2'" B TPN A 1 3 ? 5.885   6.593   4.572  0.50 13.10 ? 3  TPN A "C2'" 1 
HETATM 53  N N     A TPN A 1 3 ? 6.911   6.365   3.414  0.46 13.09 ? 3  TPN A N     1 
HETATM 54  N N     B TPN A 1 3 ? 6.887   6.372   3.538  0.50 13.19 ? 3  TPN A N     1 
HETATM 55  N N1    . TPN A 1 3 ? 4.529   3.130   0.842  1.00 9.97  ? 3  TPN A N1    1 
HETATM 56  C C6    . TPN A 1 3 ? 5.590   2.683   0.118  1.00 9.50  ? 3  TPN A C6    1 
HETATM 57  C C2    . TPN A 1 3 ? 3.237   2.618   0.631  1.00 9.75  ? 3  TPN A C2    1 
HETATM 58  O O2    . TPN A 1 3 ? 2.256   2.956   1.298  1.00 9.93  ? 3  TPN A O2    1 
HETATM 59  N N3    . TPN A 1 3 ? 3.112   1.669   -0.337 1.00 9.25  ? 3  TPN A N3    1 
HETATM 60  C C4    . TPN A 1 3 ? 4.134   1.177   -1.103 1.00 9.75  ? 3  TPN A C4    1 
HETATM 61  O O4    . TPN A 1 3 ? 3.909   0.299   -1.926 1.00 10.37 ? 3  TPN A O4    1 
HETATM 62  C C5    . TPN A 1 3 ? 5.445   1.756   -0.819 1.00 9.76  ? 3  TPN A C5    1 
HETATM 63  C C5M   . TPN A 1 3 ? 6.669   1.300   -1.618 1.00 9.38  ? 3  TPN A C5M   1 
HETATM 64  C "C8'" . APN A 1 4 ? 1.884   0.816   4.074  1.00 8.85  ? 4  APN A "C8'" 1 
HETATM 65  C "C7'" . APN A 1 4 ? 1.721   -0.070  5.311  1.00 9.16  ? 4  APN A "C7'" 1 
HETATM 66  O "O7'" . APN A 1 4 ? 1.929   -1.288  5.222  1.00 10.36 ? 4  APN A "O7'" 1 
HETATM 67  C "C5'" A APN A 1 4 ? 1.310   -0.429  7.679  0.42 9.05  ? 4  APN A "C5'" 1 
HETATM 68  C "C5'" B APN A 1 4 ? 1.293   -0.453  7.675  0.57 9.09  ? 4  APN A "C5'" 1 
HETATM 69  C C     A APN A 1 4 ? -0.045  -1.087  7.921  0.42 9.38  ? 4  APN A C     1 
HETATM 70  C C     B APN A 1 4 ? -0.041  -1.164  7.885  0.57 9.47  ? 4  APN A C     1 
HETATM 71  O O     A APN A 1 4 ? -0.193  -1.832  8.888  0.42 9.18  ? 4  APN A O     1 
HETATM 72  O O     B APN A 1 4 ? -0.160  -2.010  8.771  0.57 9.47  ? 4  APN A O     1 
HETATM 73  N "N4'" . APN A 1 4 ? 1.365   0.430   6.493  1.00 9.35  ? 4  APN A "N4'" 1 
HETATM 74  C "C3'" . APN A 1 4 ? 0.803   1.781   6.651  1.00 9.80  ? 4  APN A "C3'" 1 
HETATM 75  C "C2'" A APN A 1 4 ? 1.868   2.788   7.159  0.42 10.99 ? 4  APN A "C2'" 1 
HETATM 76  C "C2'" B APN A 1 4 ? 1.777   2.585   7.556  0.57 10.14 ? 4  APN A "C2'" 1 
HETATM 77  N N     A APN A 1 4 ? 2.856   3.109   6.139  0.42 11.94 ? 4  APN A N     1 
HETATM 78  N N     B APN A 1 4 ? 3.101   2.776   6.987  0.57 10.07 ? 4  APN A N     1 
HETATM 79  N N9    . APN A 1 4 ? 2.289   -0.017  2.943  1.00 9.40  ? 4  APN A N9    1 
HETATM 80  C C8    . APN A 1 4 ? 3.530   -0.286  2.437  1.00 8.75  ? 4  APN A C8    1 
HETATM 81  N N7    . APN A 1 4 ? 3.503   -1.114  1.427  1.00 8.35  ? 4  APN A N7    1 
HETATM 82  C C5    . APN A 1 4 ? 2.168   -1.417  1.247  1.00 8.78  ? 4  APN A C5    1 
HETATM 83  C C6    . APN A 1 4 ? 1.486   -2.274  0.348  1.00 8.52  ? 4  APN A C6    1 
HETATM 84  N N6    . APN A 1 4 ? 2.117   -2.978  -0.571 1.00 8.25  ? 4  APN A N6    1 
HETATM 85  N N1    . APN A 1 4 ? 0.158   -2.375  0.469  1.00 8.83  ? 4  APN A N1    1 
HETATM 86  C C2    . APN A 1 4 ? -0.477  -1.685  1.414  1.00 8.77  ? 4  APN A C2    1 
HETATM 87  N N3    . APN A 1 4 ? 0.060   -0.844  2.319  1.00 9.29  ? 4  APN A N3    1 
HETATM 88  C C4    . APN A 1 4 ? 1.408   -0.758  2.167  1.00 8.79  ? 4  APN A C4    1 
HETATM 89  C "C8'" . CPN A 1 5 ? -1.020  -3.291  4.493  1.00 8.72  ? 5  CPN A "C8'" 1 
HETATM 90  C "C7'" . CPN A 1 5 ? -1.390  -4.120  5.731  1.00 8.66  ? 5  CPN A "C7'" 1 
HETATM 91  O "O7'" . CPN A 1 5 ? -0.832  -5.211  5.907  1.00 9.20  ? 5  CPN A "O7'" 1 
HETATM 92  C "C5'" . CPN A 1 5 ? -2.409  -4.302  7.907  1.00 8.83  ? 5  CPN A "C5'" 1 
HETATM 93  C C     . CPN A 1 5 ? -3.639  -5.184  8.002  1.00 9.23  ? 5  CPN A C     1 
HETATM 94  O O     . CPN A 1 5 ? -3.837  -5.840  9.035  1.00 9.27  ? 5  CPN A O     1 
HETATM 95  N "N4'" . CPN A 1 5 ? -2.221  -3.605  6.636  1.00 8.66  ? 5  CPN A "N4'" 1 
HETATM 96  C "C3'" . CPN A 1 5 ? -3.013  -2.366  6.452  1.00 8.09  ? 5  CPN A "C3'" 1 
HETATM 97  C "C2'" . CPN A 1 5 ? -2.481  -1.249  7.365  1.00 8.85  ? 5  CPN A "C2'" 1 
HETATM 98  N N     . CPN A 1 5 ? -1.079  -0.873  7.074  1.00 8.84  ? 5  CPN A N     1 
HETATM 99  N N1    . CPN A 1 5 ? -0.195  -4.105  3.583  1.00 9.18  ? 5  CPN A N1    1 
HETATM 100 C C2    . CPN A 1 5 ? -0.933  -4.971  2.726  1.00 9.90  ? 5  CPN A C2    1 
HETATM 101 N N3    . CPN A 1 5 ? -0.262  -5.695  1.791  1.00 8.90  ? 5  CPN A N3    1 
HETATM 102 C C4    . CPN A 1 5 ? 1.065   -5.602  1.687  1.00 9.21  ? 5  CPN A C4    1 
HETATM 103 C C5    . CPN A 1 5 ? 1.854   -4.743  2.561  1.00 8.74  ? 5  CPN A C5    1 
HETATM 104 C C6    . CPN A 1 5 ? 1.176   -4.021  3.475  1.00 8.60  ? 5  CPN A C6    1 
HETATM 105 O O2    . CPN A 1 5 ? -2.154  -5.098  2.848  1.00 10.30 ? 5  CPN A O2    1 
HETATM 106 N N4    . CPN A 1 5 ? 1.657   -6.291  0.703  1.00 9.04  ? 5  CPN A N4    1 
HETATM 107 C "C8'" . GPN A 1 6 ? -3.227  -7.775  4.755  1.00 11.26 ? 6  GPN A "C8'" 1 
HETATM 108 C "C7'" . GPN A 1 6 ? -3.403  -8.360  6.155  1.00 12.24 ? 6  GPN A "C7'" 1 
HETATM 109 O "O7'" . GPN A 1 6 ? -2.518  -9.046  6.680  1.00 12.55 ? 6  GPN A "O7'" 1 
HETATM 110 C "C5'" . GPN A 1 6 ? -4.758  -8.703  8.120  1.00 14.41 ? 6  GPN A "C5'" 1 
HETATM 111 C C     . GPN A 1 6 ? -5.143  -10.155 8.037  1.00 17.17 ? 6  GPN A C     1 
HETATM 112 O O     . GPN A 1 6 ? -5.258  -10.807 9.078  1.00 20.37 ? 6  GPN A O     1 
HETATM 113 N "N4'" . GPN A 1 6 ? -4.577  -8.204  6.769  1.00 12.54 ? 6  GPN A "N4'" 1 
HETATM 114 C "C3'" . GPN A 1 6 ? -5.675  -7.335  6.263  1.00 11.54 ? 6  GPN A "C3'" 1 
HETATM 115 C "C2'" . GPN A 1 6 ? -5.769  -6.006  7.066  1.00 10.44 ? 6  GPN A "C2'" 1 
HETATM 116 N N     . GPN A 1 6 ? -4.511  -5.255  6.980  1.00 9.72  ? 6  GPN A N     1 
HETATM 117 N N9    . GPN A 1 6 ? -2.040  -8.415  4.133  1.00 11.43 ? 6  GPN A N9    1 
HETATM 118 C C8    . GPN A 1 6 ? -0.739  -7.984  4.169  1.00 10.95 ? 6  GPN A C8    1 
HETATM 119 N N7    . GPN A 1 6 ? 0.047   -8.604  3.340  1.00 11.20 ? 6  GPN A N7    1 
HETATM 120 C C5    . GPN A 1 6 ? -0.791  -9.517  2.703  1.00 11.37 ? 6  GPN A C5    1 
HETATM 121 C C6    . GPN A 1 6 ? -0.521  -10.393 1.594  1.00 11.37 ? 6  GPN A C6    1 
HETATM 122 O O6    . GPN A 1 6 ? 0.560   -10.606 1.059  1.00 10.99 ? 6  GPN A O6    1 
HETATM 123 N N1    . GPN A 1 6 ? -1.660  -11.062 1.144  1.00 10.99 ? 6  GPN A N1    1 
HETATM 124 C C2    . GPN A 1 6 ? -2.930  -10.929 1.685  1.00 11.71 ? 6  GPN A C2    1 
HETATM 125 N N2    . GPN A 1 6 ? -3.933  -11.684 1.162  1.00 10.91 ? 6  GPN A N2    1 
HETATM 126 N N3    . GPN A 1 6 ? -3.188  -10.097 2.733  1.00 11.38 ? 6  GPN A N3    1 
HETATM 127 C C4    . GPN A 1 6 ? -2.074  -9.425  3.181  1.00 11.60 ? 6  GPN A C4    1 
HETATM 128 N N     . NH2 A 1 7 ? -5.555  -10.706 6.897  1.00 16.43 ? 7  NH2 A N     1 
HETATM 129 C "C8'" . CPN B 1 1 ? -3.482  -14.751 -3.410 1.00 12.17 ? 8  CPN B "C8'" 1 
HETATM 130 C "C7'" . CPN B 1 1 ? -4.444  -13.857 -4.230 1.00 12.72 ? 8  CPN B "C7'" 1 
HETATM 131 O "O7'" . CPN B 1 1 ? -4.396  -12.611 -4.184 1.00 12.48 ? 8  CPN B "O7'" 1 
HETATM 132 C "C5'" . CPN B 1 1 ? -6.457  -13.672 -5.564 1.00 12.95 ? 8  CPN B "C5'" 1 
HETATM 133 C C     . CPN B 1 1 ? -7.321  -12.811 -4.635 1.00 12.83 ? 8  CPN B C     1 
HETATM 134 O O     . CPN B 1 1 ? -7.690  -13.342 -3.563 1.00 13.92 ? 8  CPN B O     1 
HETATM 135 N "N4'" . CPN B 1 1 ? -5.534  -14.463 -4.726 1.00 13.25 ? 8  CPN B "N4'" 1 
HETATM 136 C "C3'" . CPN B 1 1 ? -5.600  -15.922 -4.923 1.00 13.81 ? 8  CPN B "C3'" 1 
HETATM 137 C "C2'" . CPN B 1 1 ? -6.913  -16.437 -4.311 1.00 14.32 ? 8  CPN B "C2'" 1 
HETATM 138 N N     . CPN B 1 1 ? -7.111  -15.953 -2.951 1.00 14.65 ? 8  CPN B N     1 
HETATM 139 N N1    . CPN B 1 1 ? -2.339  -13.949 -2.981 1.00 11.55 ? 8  CPN B N1    1 
HETATM 140 C C2    . CPN B 1 1 ? -2.476  -13.283 -1.749 1.00 11.84 ? 8  CPN B C2    1 
HETATM 141 N N3    . CPN B 1 1 ? -1.391  -12.571 -1.312 1.00 11.56 ? 8  CPN B N3    1 
HETATM 142 C C4    . CPN B 1 1 ? -0.257  -12.502 -2.024 1.00 11.76 ? 8  CPN B C4    1 
HETATM 143 C C5    . CPN B 1 1 ? -0.107  -13.159 -3.285 1.00 11.85 ? 8  CPN B C5    1 
HETATM 144 C C6    . CPN B 1 1 ? -1.179  -13.866 -3.704 1.00 11.96 ? 8  CPN B C6    1 
HETATM 145 O O2    . CPN B 1 1 ? -3.529  -13.313 -1.089 1.00 12.21 ? 8  CPN B O2    1 
HETATM 146 N N4    . CPN B 1 1 ? 0.771   -11.828 -1.523 1.00 11.65 ? 8  CPN B N4    1 
HETATM 147 C "C8'" . GPN B 1 2 ? -5.232  -10.176 -2.598 1.00 9.23  ? 9  GPN B "C8'" 1 
HETATM 148 C "C7'" . GPN B 1 2 ? -5.899  -8.991  -3.305 1.00 10.22 ? 9  GPN B "C7'" 1 
HETATM 149 O "O7'" . GPN B 1 2 ? -5.201  -8.029  -3.708 1.00 10.24 ? 9  GPN B "O7'" 1 
HETATM 150 C "C5'" . GPN B 1 2 ? -7.877  -7.902  -4.228 1.00 10.81 ? 9  GPN B "C5'" 1 
HETATM 151 C C     . GPN B 1 2 ? -8.281  -6.723  -3.368 1.00 12.18 ? 9  GPN B C     1 
HETATM 152 O O     . GPN B 1 2 ? -8.800  -5.755  -3.929 1.00 13.57 ? 9  GPN B O     1 
HETATM 153 N "N4'" . GPN B 1 2 ? -7.235  -8.973  -3.468 1.00 10.44 ? 9  GPN B "N4'" 1 
HETATM 154 C "C3'" . GPN B 1 2 ? -8.136  -10.051 -3.022 1.00 10.45 ? 9  GPN B "C3'" 1 
HETATM 155 C "C2'" . GPN B 1 2 ? -8.698  -10.872 -4.206 1.00 10.30 ? 9  GPN B "C2'" 1 
HETATM 156 N N     . GPN B 1 2 ? -7.645  -11.562 -4.925 1.00 10.87 ? 9  GPN B N     1 
HETATM 157 N N9    . GPN B 1 2 ? -3.798  -9.888  -2.440 1.00 9.76  ? 9  GPN B N9    1 
HETATM 158 C C8    . GPN B 1 2 ? -2.758  -10.238 -3.267 1.00 9.26  ? 9  GPN B C8    1 
HETATM 159 N N7    . GPN B 1 2 ? -1.613  -9.712  -2.919 1.00 9.42  ? 9  GPN B N7    1 
HETATM 160 C C5    . GPN B 1 2 ? -1.916  -8.956  -1.772 1.00 9.79  ? 9  GPN B C5    1 
HETATM 161 C C6    . GPN B 1 2 ? -1.065  -8.137  -0.936 1.00 9.65  ? 9  GPN B C6    1 
HETATM 162 O O6    . GPN B 1 2 ? 0.124   -7.864  -1.085 1.00 10.05 ? 9  GPN B O6    1 
HETATM 163 N N1    . GPN B 1 2 ? -1.770  -7.539  0.095  1.00 9.22  ? 9  GPN B N1    1 
HETATM 164 C C2    . GPN B 1 2 ? -3.123  -7.672  0.325  1.00 9.13  ? 9  GPN B C2    1 
HETATM 165 N N2    . GPN B 1 2 ? -3.670  -6.966  1.340  1.00 8.30  ? 9  GPN B N2    1 
HETATM 166 N N3    . GPN B 1 2 ? -3.910  -8.445  -0.460 1.00 8.86  ? 9  GPN B N3    1 
HETATM 167 C C4    . GPN B 1 2 ? -3.245  -9.052  -1.472 1.00 9.14  ? 9  GPN B C4    1 
HETATM 168 C "C8'" . TPN B 1 3 ? -5.011  -5.130  -1.161 1.00 9.59  ? 10 TPN B "C8'" 1 
HETATM 169 C "C7'" . TPN B 1 3 ? -5.857  -3.983  -1.712 1.00 10.30 ? 10 TPN B "C7'" 1 
HETATM 170 O "O7'" . TPN B 1 3 ? -5.365  -3.244  -2.597 1.00 10.90 ? 10 TPN B "O7'" 1 
HETATM 171 C "C5'" A TPN B 1 3 ? -8.064  -2.986  -2.025 0.47 11.34 ? 10 TPN B "C5'" 1 
HETATM 172 C "C5'" B TPN B 1 3 ? -7.940  -2.749  -1.603 0.56 10.17 ? 10 TPN B "C5'" 1 
HETATM 173 C C     A TPN B 1 3 ? -8.007  -1.523  -1.589 0.47 11.89 ? 10 TPN B C     1 
HETATM 174 C C     B TPN B 1 3 ? -7.757  -1.723  -0.491 0.56 9.53  ? 10 TPN B C     1 
HETATM 175 O O     A TPN B 1 3 ? -8.486  -0.651  -2.316 0.47 13.14 ? 10 TPN B O     1 
HETATM 176 O O     B TPN B 1 3 ? -7.277  -2.023  0.607  0.56 8.53  ? 10 TPN B O     1 
HETATM 177 N "N4'" . TPN B 1 3 ? -7.157  -3.950  -1.386 1.00 10.82 ? 10 TPN B "N4'" 1 
HETATM 178 C "C3'" . TPN B 1 3 ? -7.790  -4.878  -0.423 1.00 11.05 ? 10 TPN B "C3'" 1 
HETATM 179 C "C2'" A TPN B 1 3 ? -8.785  -5.799  -1.162 0.47 11.77 ? 10 TPN B "C2'" 1 
HETATM 180 C "C2'" B TPN B 1 3 ? -8.770  -5.806  -1.167 0.56 11.78 ? 10 TPN B "C2'" 1 
HETATM 181 N N     A TPN B 1 3 ? -8.089  -6.727  -2.034 0.47 11.81 ? 10 TPN B N     1 
HETATM 182 N N     B TPN B 1 3 ? -8.078  -6.737  -2.041 0.56 11.82 ? 10 TPN B N     1 
HETATM 183 N N1    . TPN B 1 3 ? -3.605  -5.008  -1.591 1.00 9.03  ? 10 TPN B N1    1 
HETATM 184 C C6    . TPN B 1 3 ? -3.048  -5.692  -2.613 1.00 8.44  ? 10 TPN B C6    1 
HETATM 185 C C2    . TPN B 1 3 ? -2.851  -4.104  -0.806 1.00 9.40  ? 10 TPN B C2    1 
HETATM 186 O O2    . TPN B 1 3 ? -3.337  -3.420  0.110  1.00 9.98  ? 10 TPN B O2    1 
HETATM 187 N N3    . TPN B 1 3 ? -1.530  -3.978  -1.139 1.00 8.47  ? 10 TPN B N3    1 
HETATM 188 C C4    . TPN B 1 3 ? -0.913  -4.641  -2.158 1.00 9.23  ? 10 TPN B C4    1 
HETATM 189 O O4    . TPN B 1 3 ? 0.274   -4.422  -2.381 1.00 9.98  ? 10 TPN B O4    1 
HETATM 190 C C5    . TPN B 1 3 ? -1.771  -5.550  -2.919 1.00 9.00  ? 10 TPN B C5    1 
HETATM 191 C C5M   . TPN B 1 3 ? -1.172  -6.367  -4.077 1.00 8.74  ? 10 TPN B C5M   1 
HETATM 192 C "C8'" . APN B 1 4 ? -4.499  -0.218  -0.901 1.00 9.70  ? 11 APN B "C8'" 1 
HETATM 193 C "C7'" . APN B 1 4 ? -5.042  1.160   -1.264 1.00 10.25 ? 11 APN B "C7'" 1 
HETATM 194 O "O7'" . APN B 1 4 ? -4.396  1.902   -2.046 1.00 10.82 ? 11 APN B "O7'" 1 
HETATM 195 C "C5'" A APN B 1 4 ? -6.714  2.911   -0.980 0.47 10.58 ? 11 APN B "C5'" 1 
HETATM 196 C "C5'" B APN B 1 4 ? -6.692  2.934   -0.971 0.53 10.53 ? 11 APN B "C5'" 1 
HETATM 197 C C     A APN B 1 4 ? -6.233  4.156   -0.249 0.47 10.83 ? 11 APN B C     1 
HETATM 198 C C     B APN B 1 4 ? -6.084  4.202   -0.395 0.53 10.77 ? 11 APN B C     1 
HETATM 199 O O     A APN B 1 4 ? -6.779  5.247   -0.430 0.47 11.29 ? 11 APN B O     1 
HETATM 200 O O     B APN B 1 4 ? -6.385  5.304   -0.862 0.53 11.09 ? 11 APN B O     1 
HETATM 201 N "N4'" . APN B 1 4 ? -6.088  1.663   -0.565 1.00 10.36 ? 11 APN B "N4'" 1 
HETATM 202 C "C3'" . APN B 1 4 ? -6.725  1.015   0.602  1.00 10.31 ? 11 APN B "C3'" 1 
HETATM 203 C "C2'" A APN B 1 4 ? -7.904  0.061   0.269  0.47 11.19 ? 11 APN B "C2'" 1 
HETATM 204 C "C2'" B APN B 1 4 ? -8.170  0.584   0.207  0.53 9.56  ? 11 APN B "C2'" 1 
HETATM 205 N N     A APN B 1 4 ? -7.470  -1.156  -0.419 0.47 11.67 ? 11 APN B N     1 
HETATM 206 N N     B APN B 1 4 ? -8.151  -0.478  -0.790 0.53 9.38  ? 11 APN B N     1 
HETATM 207 N N9    . APN B 1 4 ? -3.236  -0.437  -1.611 1.00 9.64  ? 11 APN B N9    1 
HETATM 208 C C8    . APN B 1 4 ? -3.026  -1.179  -2.744 1.00 9.35  ? 11 APN B C8    1 
HETATM 209 N N7    . APN B 1 4 ? -1.754  -1.251  -3.100 1.00 9.31  ? 11 APN B N7    1 
HETATM 210 C C5    . APN B 1 4 ? -1.100  -0.495  -2.118 1.00 9.83  ? 11 APN B C5    1 
HETATM 211 C C6    . APN B 1 4 ? 0.243   -0.077  -1.972 1.00 9.54  ? 11 APN B C6    1 
HETATM 212 N N6    . APN B 1 4 ? 1.203   -0.492  -2.802 1.00 9.19  ? 11 APN B N6    1 
HETATM 213 N N1    . APN B 1 4 ? 0.532   0.769   -0.969 1.00 9.52  ? 11 APN B N1    1 
HETATM 214 C C2    . APN B 1 4 ? -0.418  1.183   -0.157 1.00 9.75  ? 11 APN B C2    1 
HETATM 215 N N3    . APN B 1 4 ? -1.726  0.860   -0.188 1.00 10.58 ? 11 APN B N3    1 
HETATM 216 C C4    . APN B 1 4 ? -1.998  0.002   -1.211 1.00 9.54  ? 11 APN B C4    1 
HETATM 217 C "C8'" . CPN B 1 5 ? -1.968  4.215   -0.819 1.00 10.99 ? 12 CPN B "C8'" 1 
HETATM 218 C "C7'" . CPN B 1 5 ? -2.525  5.615   -1.134 1.00 11.85 ? 12 CPN B "C7'" 1 
HETATM 219 O "O7'" . CPN B 1 5 ? -2.264  6.174   -2.214 1.00 12.10 ? 12 CPN B "O7'" 1 
HETATM 220 C "C5'" . CPN B 1 5 ? -4.030  7.427   -0.551 1.00 13.59 ? 12 CPN B "C5'" 1 
HETATM 221 C C     . CPN B 1 5 ? -3.225  8.706   -0.467 1.00 15.27 ? 12 CPN B C     1 
HETATM 222 O O     . CPN B 1 5 ? -3.698  9.753   -0.913 1.00 16.80 ? 12 CPN B O     1 
HETATM 223 N "N4'" . CPN B 1 5 ? -3.229  6.246   -0.207 1.00 11.91 ? 12 CPN B "N4'" 1 
HETATM 224 C "C3'" . CPN B 1 5 ? -3.375  5.750   1.170  1.00 11.44 ? 12 CPN B "C3'" 1 
HETATM 225 C "C2'" . CPN B 1 5 ? -4.827  5.275   1.438  1.00 11.33 ? 12 CPN B "C2'" 1 
HETATM 226 N N     . CPN B 1 5 ? -5.219  4.098   0.617  1.00 10.87 ? 12 CPN B N     1 
HETATM 227 N N1    . CPN B 1 5 ? -1.030  3.787   -1.915 1.00 11.37 ? 12 CPN B N1    1 
HETATM 228 C C2    . CPN B 1 5 ? 0.312   4.216   -1.757 1.00 11.80 ? 12 CPN B C2    1 
HETATM 229 N N3    . CPN B 1 5 ? 1.246   3.801   -2.646 1.00 11.06 ? 12 CPN B N3    1 
HETATM 230 C C4    . CPN B 1 5 ? 0.898   3.017   -3.655 1.00 11.33 ? 12 CPN B C4    1 
HETATM 231 C C5    . CPN B 1 5 ? -0.451  2.572   -3.871 1.00 10.82 ? 12 CPN B C5    1 
HETATM 232 C C6    . CPN B 1 5 ? -1.371  2.977   -2.975 1.00 10.93 ? 12 CPN B C6    1 
HETATM 233 O O2    . CPN B 1 5 ? 0.606   5.010   -0.859 1.00 12.35 ? 12 CPN B O2    1 
HETATM 234 N N4    . CPN B 1 5 ? 1.863   2.598   -4.462 1.00 11.10 ? 12 CPN B N4    1 
HETATM 235 C "C8'" . GPN B 1 6 ? 0.618   8.176   -2.236 1.00 15.51 ? 13 GPN B "C8'" 1 
HETATM 236 C "C7'" . GPN B 1 6 ? 0.018   9.479   -2.718 1.00 17.17 ? 13 GPN B "C7'" 1 
HETATM 237 O "O7'" . GPN B 1 6 ? -0.269  9.605   -3.907 1.00 17.02 ? 13 GPN B "O7'" 1 
HETATM 238 C "C5'" . GPN B 1 6 ? -1.082  11.577  -2.195 1.00 21.26 ? 13 GPN B "C5'" 1 
HETATM 239 C C     . GPN B 1 6 ? -0.045  12.467  -2.894 1.00 23.98 ? 13 GPN B C     1 
HETATM 240 O O     . GPN B 1 6 ? -0.605  13.612  -3.288 1.00 25.63 ? 13 GPN B O     1 
HETATM 241 N "N4'" . GPN B 1 6 ? -0.451  10.335  -1.808 1.00 18.34 ? 13 GPN B "N4'" 1 
HETATM 242 C "C3'" . GPN B 1 6 ? -0.105  10.304  -0.396 1.00 17.50 ? 13 GPN B "C3'" 1 
HETATM 243 C "C2'" . GPN B 1 6 ? -1.351  9.975   0.487  1.00 16.77 ? 13 GPN B "C2'" 1 
HETATM 244 N N     . GPN B 1 6 ? -2.012  8.722   0.110  1.00 15.44 ? 13 GPN B N     1 
HETATM 245 N N9    . GPN B 1 6 ? 1.230   7.518   -3.379 1.00 14.67 ? 13 GPN B N9    1 
HETATM 246 C C8    . GPN B 1 6 ? 0.649   6.597   -4.226 1.00 14.48 ? 13 GPN B C8    1 
HETATM 247 N N7    . GPN B 1 6 ? 1.485   6.072   -5.079 1.00 14.48 ? 13 GPN B N7    1 
HETATM 248 C C5    . GPN B 1 6 ? 2.709   6.696   -4.766 1.00 14.63 ? 13 GPN B C5    1 
HETATM 249 C C6    . GPN B 1 6 ? 4.013   6.508   -5.330 1.00 14.94 ? 13 GPN B C6    1 
HETATM 250 O O6    . GPN B 1 6 ? 4.328   5.758   -6.249 1.00 15.62 ? 13 GPN B O6    1 
HETATM 251 N N1    . GPN B 1 6 ? 5.008   7.292   -4.732 1.00 14.70 ? 13 GPN B N1    1 
HETATM 252 C C2    . GPN B 1 6 ? 4.767   8.174   -3.696 1.00 14.53 ? 13 GPN B C2    1 
HETATM 253 N N2    . GPN B 1 6 ? 5.801   8.880   -3.217 1.00 14.83 ? 13 GPN B N2    1 
HETATM 254 N N3    . GPN B 1 6 ? 3.545   8.350   -3.159 1.00 14.80 ? 13 GPN B N3    1 
HETATM 255 C C4    . GPN B 1 6 ? 2.565   7.583   -3.738 1.00 14.62 ? 13 GPN B C4    1 
HETATM 256 N N     . NH2 B 1 7 ? 1.174   12.462  -2.621 1.00 24.88 ? 14 NH2 B N     1 
HETATM 257 O O     . HOH C 2 . ? -4.534  -4.349  4.206  1.00 11.15 ? 16 HOH A O     1 
HETATM 258 O O     . HOH C 2 . ? -1.427  0.326   4.361  1.00 11.02 ? 17 HOH A O     1 
HETATM 259 O O     . HOH C 2 . ? 2.738   -8.080  4.007  1.00 17.99 ? 20 HOH A O     1 
HETATM 260 O O     . HOH C 2 . ? -5.549  -10.364 4.376  1.00 18.11 ? 22 HOH A O     1 
HETATM 261 O O     . HOH C 2 . ? 9.189   10.517  -2.832 1.00 28.79 ? 25 HOH A O     1 
HETATM 262 O O     . HOH C 2 . ? -7.247  -11.320 0.649  1.00 49.24 ? 27 HOH A O     1 
HETATM 263 O O     . HOH C 2 . ? 5.975   7.792   1.231  1.00 15.15 ? 31 HOH A O     1 
HETATM 264 O O     . HOH C 2 . ? -2.043  -6.819  10.778 1.00 20.32 ? 36 HOH A O     1 
HETATM 265 O O     . HOH C 2 . ? 3.406   -11.635 3.526  1.00 20.20 ? 39 HOH A O     1 
HETATM 266 O O     . HOH C 2 . ? 8.318   2.409   -4.909 1.00 33.65 ? 40 HOH A O     1 
HETATM 267 O O     . HOH C 2 . ? 0.332   4.211   2.432  1.00 32.99 ? 41 HOH A O     1 
HETATM 268 O O     . HOH C 2 . ? -1.765  3.233   3.588  1.00 14.61 ? 42 HOH A O     1 
HETATM 269 O O     . HOH C 2 . ? 3.082   -10.062 1.165  1.00 32.18 ? 44 HOH A O     1 
HETATM 270 O O     . HOH C 2 . ? 1.900   -6.336  6.436  1.00 32.38 ? 47 HOH A O     1 
HETATM 271 O O     . HOH C 2 . ? -1.372  4.981   7.583  1.00 31.04 ? 49 HOH A O     1 
HETATM 272 O O     . HOH C 2 . ? 6.159   -1.761  0.930  1.00 39.12 ? 55 HOH A O     1 
HETATM 273 O O     . HOH C 2 . ? -6.631  -12.670 3.110  1.00 50.37 ? 58 HOH A O     1 
HETATM 274 O O     . HOH C 2 . ? 16.593  12.488  -3.547 1.00 41.40 ? 59 HOH A O     1 
HETATM 275 O O     . HOH C 2 . ? 1.488   5.469   4.266  1.00 49.02 ? 65 HOH A O     1 
HETATM 276 O O     . HOH C 2 . ? 6.701   -8.202  4.927  1.00 60.31 ? 66 HOH A O     1 
HETATM 277 O O     . HOH C 2 . ? 2.811   8.150   1.609  1.00 20.94 ? 67 HOH A O     1 
HETATM 278 O O     . HOH C 2 . ? 4.631   -5.561  0.210  1.00 45.15 ? 68 HOH A O     1 
HETATM 279 O O     . HOH C 2 . ? -2.852  -13.037 9.681  1.00 52.20 ? 75 HOH A O     1 
HETATM 280 O O     . HOH C 2 . ? 5.485   2.149   -5.909 1.00 58.11 ? 76 HOH A O     1 
HETATM 281 O O     . HOH C 2 . ? 4.477   -0.109  -4.694 1.00 48.41 ? 79 HOH A O     1 
HETATM 282 O O     . HOH C 2 . ? 15.506  13.583  -1.090 1.00 46.20 ? 80 HOH A O     1 
HETATM 283 O O     . HOH C 2 . ? 4.956   -2.489  -1.620 1.00 62.29 ? 82 HOH A O     1 
HETATM 284 O O     . HOH C 2 . ? 8.523   -1.897  -0.459 1.00 57.85 ? 86 HOH A O     1 
HETATM 285 O O     . HOH C 2 . ? 12.642  13.592  -1.287 1.00 67.56 ? 88 HOH A O     1 
HETATM 286 O O     . HOH C 2 . ? 3.525   6.891   7.438  1.00 67.55 ? 89 HOH A O     1 
HETATM 287 O O     . HOH C 2 . ? 7.495   5.161   7.923  1.00 50.12 ? 91 HOH A O     1 
HETATM 288 O O     . HOH C 2 . ? 4.632   -7.293  2.266  1.00 66.13 ? 95 HOH A O     1 
HETATM 289 O O     . HOH C 2 . ? 0.858   6.352   6.744  1.00 59.79 ? 96 HOH A O     1 
HETATM 290 O O     . HOH D 2 . ? -4.189  -0.718  3.445  1.00 7.87  ? 15 HOH B O     1 
HETATM 291 O O     . HOH D 2 . ? -3.509  1.926   1.723  1.00 9.86  ? 18 HOH B O     1 
HETATM 292 O O     . HOH D 2 . ? -0.231  6.905   1.422  1.00 17.01 ? 19 HOH B O     1 
HETATM 293 O O     . HOH D 2 . ? -6.306  -6.255  2.669  1.00 20.87 ? 21 HOH B O     1 
HETATM 294 O O     . HOH D 2 . ? -6.764  -8.517  -0.159 1.00 12.72 ? 23 HOH B O     1 
HETATM 295 O O     . HOH D 2 . ? -4.109  9.049   2.812  1.00 26.99 ? 24 HOH B O     1 
HETATM 296 O O     . HOH D 2 . ? 3.036   10.635  -1.762 1.00 24.47 ? 26 HOH B O     1 
HETATM 297 O O     . HOH D 2 . ? 0.609   -9.749  -4.703 1.00 27.69 ? 28 HOH B O     1 
HETATM 298 O O     . HOH D 2 . ? -5.318  -2.732  1.739  1.00 19.12 ? 29 HOH B O     1 
HETATM 299 O O     . HOH D 2 . ? 4.179   13.744  -3.614 1.00 48.15 ? 30 HOH B O     1 
HETATM 300 O O     . HOH D 2 . ? 3.069   -11.933 -3.204 1.00 43.36 ? 32 HOH B O     1 
HETATM 301 O O     . HOH D 2 . ? -8.532  0.959   -3.746 1.00 39.52 ? 33 HOH B O     1 
HETATM 302 O O     . HOH D 2 . ? 0.281   4.647   -7.094 1.00 24.96 ? 34 HOH B O     1 
HETATM 303 O O     . HOH D 2 . ? -4.860  10.408  -3.396 1.00 19.61 ? 35 HOH B O     1 
HETATM 304 O O     . HOH D 2 . ? -2.361  8.756   -5.923 1.00 34.02 ? 37 HOH B O     1 
HETATM 305 O O     . HOH D 2 . ? -1.822  7.891   3.808  1.00 27.31 ? 38 HOH B O     1 
HETATM 306 O O     . HOH D 2 . ? -2.444  5.601   5.024  1.00 24.17 ? 43 HOH B O     1 
HETATM 307 O O     . HOH D 2 . ? -7.543  3.244   -4.369 1.00 32.16 ? 45 HOH B O     1 
HETATM 308 O O     . HOH D 2 . ? -6.597  5.657   -3.281 1.00 22.53 ? 46 HOH B O     1 
HETATM 309 O O     . HOH D 2 . ? -5.011  7.560   -4.177 1.00 39.82 ? 48 HOH B O     1 
HETATM 310 O O     . HOH D 2 . ? -9.231  -1.375  -5.492 1.00 36.58 ? 50 HOH B O     1 
HETATM 311 O O     . HOH D 2 . ? -2.504  4.591   -6.736 1.00 53.71 ? 51 HOH B O     1 
HETATM 312 O O     . HOH D 2 . ? -3.936  1.302   -5.012 1.00 37.59 ? 52 HOH B O     1 
HETATM 313 O O     . HOH D 2 . ? 5.673   12.045  -1.776 1.00 60.12 ? 53 HOH B O     1 
HETATM 314 O O     . HOH D 2 . ? -1.769  10.623  5.320  1.00 69.30 ? 54 HOH B O     1 
HETATM 315 O O     . HOH D 2 . ? 7.101   10.161  -0.509 1.00 43.04 ? 56 HOH B O     1 
HETATM 316 O O     . HOH D 2 . ? -3.980  12.538  -4.775 1.00 39.67 ? 57 HOH B O     1 
HETATM 317 O O     . HOH D 2 . ? -2.694  6.178   -4.897 1.00 47.14 ? 60 HOH B O     1 
HETATM 318 O O     . HOH D 2 . ? -10.418 -3.667  -4.313 1.00 32.49 ? 61 HOH B O     1 
HETATM 319 O O     . HOH D 2 . ? -6.134  0.099   -4.227 1.00 49.69 ? 62 HOH B O     1 
HETATM 320 O O     . HOH D 2 . ? -1.642  -2.640  -5.484 1.00 33.36 ? 63 HOH B O     1 
HETATM 321 O O     . HOH D 2 . ? -2.009  11.248  8.348  1.00 53.26 ? 64 HOH B O     1 
HETATM 322 O O     . HOH D 2 . ? 2.462   -5.858  -3.086 1.00 56.96 ? 69 HOH B O     1 
HETATM 323 O O     . HOH D 2 . ? -7.326  -8.655  3.243  1.00 72.97 ? 70 HOH B O     1 
HETATM 324 O O     . HOH D 2 . ? 0.872   0.647   -6.699 1.00 44.23 ? 71 HOH B O     1 
HETATM 325 O O     . HOH D 2 . ? 3.459   3.831   -7.830 1.00 44.25 ? 72 HOH B O     1 
HETATM 326 O O     . HOH D 2 . ? 2.371   -8.747  -2.209 1.00 44.75 ? 73 HOH B O     1 
HETATM 327 O O     . HOH D 2 . ? -4.711  3.877   -4.612 1.00 56.83 ? 74 HOH B O     1 
HETATM 328 O O     . HOH D 2 . ? 1.498   15.141  -8.744 1.00 64.63 ? 77 HOH B O     1 
HETATM 329 O O     . HOH D 2 . ? -1.859  0.179   -6.374 1.00 40.17 ? 78 HOH B O     1 
HETATM 330 O O     . HOH D 2 . ? -4.543  12.225  -0.042 1.00 45.34 ? 81 HOH B O     1 
HETATM 331 O O     . HOH D 2 . ? 0.345   13.825  -6.585 1.00 55.16 ? 83 HOH B O     1 
HETATM 332 O O     . HOH D 2 . ? 1.174   -2.493  -4.870 1.00 56.83 ? 84 HOH B O     1 
HETATM 333 O O     . HOH D 2 . ? -9.500  -13.725 -1.242 1.00 64.62 ? 85 HOH B O     1 
HETATM 334 O O     . HOH D 2 . ? -0.726  -4.281  -7.443 1.00 60.83 ? 87 HOH B O     1 
HETATM 335 O O     . HOH D 2 . ? -1.099  8.394   6.743  1.00 71.01 ? 90 HOH B O     1 
HETATM 336 O O     . HOH D 2 . ? -4.037  13.680  -2.053 1.00 62.25 ? 92 HOH B O     1 
HETATM 337 O O     . HOH D 2 . ? 3.475   11.920  0.773  1.00 70.83 ? 93 HOH B O     1 
HETATM 338 O O     . HOH D 2 . ? 2.005   14.632  -4.630 1.00 55.80 ? 94 HOH B O     1 
# 
loop_
_pdbx_poly_seq_scheme.asym_id 
_pdbx_poly_seq_scheme.entity_id 
_pdbx_poly_seq_scheme.seq_id 
_pdbx_poly_seq_scheme.mon_id 
_pdbx_poly_seq_scheme.ndb_seq_num 
_pdbx_poly_seq_scheme.pdb_seq_num 
_pdbx_poly_seq_scheme.auth_seq_num 
_pdbx_poly_seq_scheme.pdb_mon_id 
_pdbx_poly_seq_scheme.auth_mon_id 
_pdbx_poly_seq_scheme.pdb_strand_id 
_pdbx_poly_seq_scheme.pdb_ins_code 
_pdbx_poly_seq_scheme.hetero 
A 1 1 CPN 1 1  1  CPN CPN A . n 
A 1 2 GPN 2 2  2  GPN GPN A . n 
A 1 3 TPN 3 3  3  TPN TPN A . n 
A 1 4 APN 4 4  4  APN APN A . n 
A 1 5 CPN 5 5  5  CPN CPN A . n 
A 1 6 GPN 6 6  6  GPN GPN A . n 
A 1 7 NH2 7 7  7  NH2 NH2 A . n 
B 1 1 CPN 1 8  8  CPN CPN B . n 
B 1 2 GPN 2 9  9  GPN GPN B . n 
B 1 3 TPN 3 10 10 TPN TPN B . n 
B 1 4 APN 4 11 11 APN APN B . n 
B 1 5 CPN 5 12 12 CPN CPN B . n 
B 1 6 GPN 6 13 13 GPN GPN B . n 
B 1 7 NH2 7 14 14 NH2 NH2 B . n 
# 
loop_
_pdbx_nonpoly_scheme.asym_id 
_pdbx_nonpoly_scheme.entity_id 
_pdbx_nonpoly_scheme.mon_id 
_pdbx_nonpoly_scheme.ndb_seq_num 
_pdbx_nonpoly_scheme.pdb_seq_num 
_pdbx_nonpoly_scheme.auth_seq_num 
_pdbx_nonpoly_scheme.pdb_mon_id 
_pdbx_nonpoly_scheme.auth_mon_id 
_pdbx_nonpoly_scheme.pdb_strand_id 
_pdbx_nonpoly_scheme.pdb_ins_code 
C 2 HOH 1  16 16 HOH HOH A . 
C 2 HOH 2  17 17 HOH HOH A . 
C 2 HOH 3  20 20 HOH HOH A . 
C 2 HOH 4  22 22 HOH HOH A . 
C 2 HOH 5  25 25 HOH HOH A . 
C 2 HOH 6  27 27 HOH HOH A . 
C 2 HOH 7  31 31 HOH HOH A . 
C 2 HOH 8  36 36 HOH HOH A . 
C 2 HOH 9  39 39 HOH HOH A . 
C 2 HOH 10 40 40 HOH HOH A . 
C 2 HOH 11 41 41 HOH HOH A . 
C 2 HOH 12 42 42 HOH HOH A . 
C 2 HOH 13 44 44 HOH HOH A . 
C 2 HOH 14 47 47 HOH HOH A . 
C 2 HOH 15 49 49 HOH HOH A . 
C 2 HOH 16 55 55 HOH HOH A . 
C 2 HOH 17 58 58 HOH HOH A . 
C 2 HOH 18 59 59 HOH HOH A . 
C 2 HOH 19 65 65 HOH HOH A . 
C 2 HOH 20 66 66 HOH HOH A . 
C 2 HOH 21 67 67 HOH HOH A . 
C 2 HOH 22 68 68 HOH HOH A . 
C 2 HOH 23 75 75 HOH HOH A . 
C 2 HOH 24 76 76 HOH HOH A . 
C 2 HOH 25 79 79 HOH HOH A . 
C 2 HOH 26 80 80 HOH HOH A . 
C 2 HOH 27 82 82 HOH HOH A . 
C 2 HOH 28 86 86 HOH HOH A . 
C 2 HOH 29 88 88 HOH HOH A . 
C 2 HOH 30 89 89 HOH HOH A . 
C 2 HOH 31 91 91 HOH HOH A . 
C 2 HOH 32 95 95 HOH HOH A . 
C 2 HOH 33 96 96 HOH HOH A . 
D 2 HOH 1  15 15 HOH HOH B . 
D 2 HOH 2  18 18 HOH HOH B . 
D 2 HOH 3  19 19 HOH HOH B . 
D 2 HOH 4  21 21 HOH HOH B . 
D 2 HOH 5  23 23 HOH HOH B . 
D 2 HOH 6  24 24 HOH HOH B . 
D 2 HOH 7  26 26 HOH HOH B . 
D 2 HOH 8  28 28 HOH HOH B . 
D 2 HOH 9  29 29 HOH HOH B . 
D 2 HOH 10 30 30 HOH HOH B . 
D 2 HOH 11 32 32 HOH HOH B . 
D 2 HOH 12 33 33 HOH HOH B . 
D 2 HOH 13 34 34 HOH HOH B . 
D 2 HOH 14 35 35 HOH HOH B . 
D 2 HOH 15 37 37 HOH HOH B . 
D 2 HOH 16 38 38 HOH HOH B . 
D 2 HOH 17 43 43 HOH HOH B . 
D 2 HOH 18 45 45 HOH HOH B . 
D 2 HOH 19 46 46 HOH HOH B . 
D 2 HOH 20 48 48 HOH HOH B . 
D 2 HOH 21 50 50 HOH HOH B . 
D 2 HOH 22 51 51 HOH HOH B . 
D 2 HOH 23 52 52 HOH HOH B . 
D 2 HOH 24 53 53 HOH HOH B . 
D 2 HOH 25 54 54 HOH HOH B . 
D 2 HOH 26 56 56 HOH HOH B . 
D 2 HOH 27 57 57 HOH HOH B . 
D 2 HOH 28 60 60 HOH HOH B . 
D 2 HOH 29 61 61 HOH HOH B . 
D 2 HOH 30 62 62 HOH HOH B . 
D 2 HOH 31 63 63 HOH HOH B . 
D 2 HOH 32 64 64 HOH HOH B . 
D 2 HOH 33 69 69 HOH HOH B . 
D 2 HOH 34 70 70 HOH HOH B . 
D 2 HOH 35 71 71 HOH HOH B . 
D 2 HOH 36 72 72 HOH HOH B . 
D 2 HOH 37 73 73 HOH HOH B . 
D 2 HOH 38 74 74 HOH HOH B . 
D 2 HOH 39 77 77 HOH HOH B . 
D 2 HOH 40 78 78 HOH HOH B . 
D 2 HOH 41 81 81 HOH HOH B . 
D 2 HOH 42 83 83 HOH HOH B . 
D 2 HOH 43 84 84 HOH HOH B . 
D 2 HOH 44 85 85 HOH HOH B . 
D 2 HOH 45 87 87 HOH HOH B . 
D 2 HOH 46 90 90 HOH HOH B . 
D 2 HOH 47 92 92 HOH HOH B . 
D 2 HOH 48 93 93 HOH HOH B . 
D 2 HOH 49 94 94 HOH HOH B . 
# 
_pdbx_struct_assembly.id                   1 
_pdbx_struct_assembly.details              author_defined_assembly 
_pdbx_struct_assembly.method_details       ? 
_pdbx_struct_assembly.oligomeric_details   dimeric 
_pdbx_struct_assembly.oligomeric_count     2 
# 
_pdbx_struct_assembly_gen.assembly_id       1 
_pdbx_struct_assembly_gen.oper_expression   1 
_pdbx_struct_assembly_gen.asym_id_list      A,B,C,D 
# 
_pdbx_struct_oper_list.id                   1 
_pdbx_struct_oper_list.type                 'identity operation' 
_pdbx_struct_oper_list.name                 1_555 
_pdbx_struct_oper_list.symmetry_operation   x,y,z 
_pdbx_struct_oper_list.matrix[1][1]         1.0000000000 
_pdbx_struct_oper_list.matrix[1][2]         0.0000000000 
_pdbx_struct_oper_list.matrix[1][3]         0.0000000000 
_pdbx_struct_oper_list.vector[1]            0.0000000000 
_pdbx_struct_oper_list.matrix[2][1]         0.0000000000 
_pdbx_struct_oper_list.matrix[2][2]         1.0000000000 
_pdbx_struct_oper_list.matrix[2][3]         0.0000000000 
_pdbx_struct_oper_list.vector[2]            0.0000000000 
_pdbx_struct_oper_list.matrix[3][1]         0.0000000000 
_pdbx_struct_oper_list.matrix[3][2]         0.0000000000 
_pdbx_struct_oper_list.matrix[3][3]         1.0000000000 
_pdbx_struct_oper_list.vector[3]            0.0000000000 
# 
loop_
_pdbx_audit_revision_history.ordinal 
_pdbx_audit_revision_history.data_content_type 
_pdbx_audit_revision_history.major_revision 
_pdbx_audit_revision_history.minor_revision 
_pdbx_audit_revision_history.revision_date 
1 'Structure model' 1 0 1997-02-25 
2 'Structure model' 1 1 2008-05-22 
3 'Structure model' 1 2 2011-07-13 
4 'Structure model' 1 3 2012-03-28 
5 'Structure model' 2 0 2023-11-15 
# 
_pdbx_audit_revision_details.ordinal             1 
_pdbx_audit_revision_details.revision_ordinal    1 
_pdbx_audit_revision_details.data_content_type   'Structure model' 
_pdbx_audit_revision_details.provider            repository 
_pdbx_audit_revision_details.type                'Initial release' 
_pdbx_audit_revision_details.description         ? 
_pdbx_audit_revision_details.details             ? 
# 
loop_
_pdbx_audit_revision_group.ordinal 
_pdbx_audit_revision_group.revision_ordinal 
_pdbx_audit_revision_group.data_content_type 
_pdbx_audit_revision_group.group 
1 2 'Structure model' 'Version format compliance' 
2 3 'Structure model' 'Non-polymer description'   
3 3 'Structure model' 'Version format compliance' 
4 4 'Structure model' Other                       
5 5 'Structure model' Advisory                    
6 5 'Structure model' 'Atomic model'              
7 5 'Structure model' 'Data collection'           
8 5 'Structure model' 'Database references'       
9 5 'Structure model' 'Derived calculations'      
# 
loop_
_pdbx_audit_revision_category.ordinal 
_pdbx_audit_revision_category.revision_ordinal 
_pdbx_audit_revision_category.data_content_type 
_pdbx_audit_revision_category.category 
1 5 'Structure model' atom_site                   
2 5 'Structure model' chem_comp_atom              
3 5 'Structure model' chem_comp_bond              
4 5 'Structure model' database_2                  
5 5 'Structure model' pdbx_validate_close_contact 
6 5 'Structure model' struct_conn                 
7 5 'Structure model' struct_site                 
# 
loop_
_pdbx_audit_revision_item.ordinal 
_pdbx_audit_revision_item.revision_ordinal 
_pdbx_audit_revision_item.data_content_type 
_pdbx_audit_revision_item.item 
1  5 'Structure model' '_atom_site.auth_atom_id'                     
2  5 'Structure model' '_atom_site.label_atom_id'                    
3  5 'Structure model' '_database_2.pdbx_DOI'                        
4  5 'Structure model' '_database_2.pdbx_database_accession'         
5  5 'Structure model' '_pdbx_validate_close_contact.auth_atom_id_1' 
6  5 'Structure model' '_struct_conn.pdbx_leaving_atom_flag'         
7  5 'Structure model' '_struct_conn.ptnr1_label_atom_id'            
8  5 'Structure model' '_struct_conn.ptnr2_label_atom_id'            
9  5 'Structure model' '_struct_site.pdbx_auth_asym_id'              
10 5 'Structure model' '_struct_site.pdbx_auth_comp_id'              
11 5 'Structure model' '_struct_site.pdbx_auth_seq_id'               
# 
loop_
_refine_B_iso.class 
_refine_B_iso.details 
_refine_B_iso.treatment 
_refine_B_iso.pdbx_refine_id 
'ALL ATOMS'  TR isotropic 'X-RAY DIFFRACTION' 
'ALL WATERS' TR isotropic 'X-RAY DIFFRACTION' 
# 
loop_
_refine_occupancy.class 
_refine_occupancy.treatment 
_refine_occupancy.pdbx_refine_id 
'ALL ATOMS'  fix 'X-RAY DIFFRACTION' 
'ALL WATERS' fix 'X-RAY DIFFRACTION' 
# 
loop_
_software.name 
_software.classification 
_software.version 
_software.citation_id 
_software.pdbx_ordinal 
MLPHARE phasing          .   ? 1 
X-PLOR  refinement       3.1 ? 2 
DENZO   'data reduction' .   ? 3 
CCP4    'data scaling'   .   ? 4 
# 
loop_
_pdbx_validate_close_contact.id 
_pdbx_validate_close_contact.PDB_model_num 
_pdbx_validate_close_contact.auth_atom_id_1 
_pdbx_validate_close_contact.auth_asym_id_1 
_pdbx_validate_close_contact.auth_comp_id_1 
_pdbx_validate_close_contact.auth_seq_id_1 
_pdbx_validate_close_contact.PDB_ins_code_1 
_pdbx_validate_close_contact.label_alt_id_1 
_pdbx_validate_close_contact.auth_atom_id_2 
_pdbx_validate_close_contact.auth_asym_id_2 
_pdbx_validate_close_contact.auth_comp_id_2 
_pdbx_validate_close_contact.auth_seq_id_2 
_pdbx_validate_close_contact.PDB_ins_code_2 
_pdbx_validate_close_contact.label_alt_id_2 
_pdbx_validate_close_contact.dist 
1 1 O A TPN 3  ? B O A HOH 65 ? ? 1.92 
2 1 O B TPN 10 ? A O B HOH 33 ? ? 2.15 
# 
loop_
_chem_comp_atom.comp_id 
_chem_comp_atom.atom_id 
_chem_comp_atom.type_symbol 
_chem_comp_atom.pdbx_aromatic_flag 
_chem_comp_atom.pdbx_stereo_config 
_chem_comp_atom.pdbx_ordinal 
APN "C8'"  C N N 1   
APN "C7'"  C N N 2   
APN "O7'"  O N N 3   
APN "C5'"  C N N 4   
APN C      C N N 5   
APN O      O N N 6   
APN OXT    O N N 7   
APN "N4'"  N N N 8   
APN "C3'"  C N N 9   
APN "C2'"  C N N 10  
APN N      N N N 11  
APN N9     N Y N 12  
APN C8     C Y N 13  
APN N7     N Y N 14  
APN C5     C Y N 15  
APN C6     C Y N 16  
APN N6     N N N 17  
APN N1     N Y N 18  
APN C2     C Y N 19  
APN N3     N Y N 20  
APN C4     C Y N 21  
APN "H8'1" H N N 22  
APN "H8'2" H N N 23  
APN "H5'1" H N N 24  
APN "H5'2" H N N 25  
APN HXT    H N N 26  
APN "H3'1" H N N 27  
APN "H3'2" H N N 28  
APN "H2'1" H N N 29  
APN "H2'2" H N N 30  
APN H      H N N 31  
APN H2     H N N 32  
APN H3     H N N 33  
APN H8     H N N 34  
APN HN61   H N N 35  
APN HN62   H N N 36  
APN H21    H N N 37  
CPN "C8'"  C N N 38  
CPN "C7'"  C N N 39  
CPN "O7'"  O N N 40  
CPN "C5'"  C N N 41  
CPN C      C N N 42  
CPN O      O N N 43  
CPN OXT    O N N 44  
CPN "N4'"  N N N 45  
CPN "C3'"  C N N 46  
CPN "C2'"  C N N 47  
CPN N      N N N 48  
CPN N1     N N N 49  
CPN C2     C N N 50  
CPN N3     N N N 51  
CPN C4     C N N 52  
CPN C5     C N N 53  
CPN C6     C N N 54  
CPN O2     O N N 55  
CPN N4     N N N 56  
CPN "H8'1" H N N 57  
CPN "H8'2" H N N 58  
CPN "H5'1" H N N 59  
CPN "H5'2" H N N 60  
CPN HXT    H N N 61  
CPN "H3'1" H N N 62  
CPN "H3'2" H N N 63  
CPN "H2'1" H N N 64  
CPN "H2'2" H N N 65  
CPN H      H N N 66  
CPN H2     H N N 67  
CPN H3     H N N 68  
CPN H5     H N N 69  
CPN H6     H N N 70  
CPN HN41   H N N 71  
CPN HN42   H N N 72  
GPN "C8'"  C N N 73  
GPN "C7'"  C N N 74  
GPN "O7'"  O N N 75  
GPN "C5'"  C N N 76  
GPN C      C N N 77  
GPN O      O N N 78  
GPN OXT    O N N 79  
GPN "N4'"  N N N 80  
GPN "C3'"  C N N 81  
GPN "C2'"  C N N 82  
GPN N      N N N 83  
GPN N9     N Y N 84  
GPN C8     C Y N 85  
GPN N7     N Y N 86  
GPN C5     C Y N 87  
GPN C6     C N N 88  
GPN O6     O N N 89  
GPN N1     N N N 90  
GPN C2     C N N 91  
GPN N2     N N N 92  
GPN N3     N N N 93  
GPN C4     C Y N 94  
GPN "H8'1" H N N 95  
GPN "H8'2" H N N 96  
GPN "H5'1" H N N 97  
GPN "H5'2" H N N 98  
GPN HXT    H N N 99  
GPN "H3'1" H N N 100 
GPN "H3'2" H N N 101 
GPN "H2'1" H N N 102 
GPN "H2'2" H N N 103 
GPN H      H N N 104 
GPN H2     H N N 105 
GPN H3     H N N 106 
GPN H8     H N N 107 
GPN HN1    H N N 108 
GPN HN21   H N N 109 
GPN HN22   H N N 110 
HOH O      O N N 111 
HOH H1     H N N 112 
HOH H2     H N N 113 
NH2 N      N N N 114 
NH2 HN1    H N N 115 
NH2 HN2    H N N 116 
TPN "C8'"  C N N 117 
TPN "C7'"  C N N 118 
TPN "O7'"  O N N 119 
TPN "C5'"  C N N 120 
TPN C      C N N 121 
TPN O      O N N 122 
TPN OXT    O N N 123 
TPN "N4'"  N N N 124 
TPN "C3'"  C N N 125 
TPN "C2'"  C N N 126 
TPN N      N N N 127 
TPN N1     N N N 128 
TPN C6     C N N 129 
TPN C2     C N N 130 
TPN O2     O N N 131 
TPN N3     N N N 132 
TPN C4     C N N 133 
TPN O4     O N N 134 
TPN C5     C N N 135 
TPN C5M    C N N 136 
TPN "H8'1" H N N 137 
TPN "H8'2" H N N 138 
TPN "H5'1" H N N 139 
TPN "H5'2" H N N 140 
TPN HXT    H N N 141 
TPN "H3'1" H N N 142 
TPN "H3'2" H N N 143 
TPN "H2'1" H N N 144 
TPN "H2'2" H N N 145 
TPN H      H N N 146 
TPN H2     H N N 147 
TPN H3     H N N 148 
TPN H6     H N N 149 
TPN HN3    H N N 150 
TPN HM51   H N N 151 
TPN HM52   H N N 152 
TPN HM53   H N N 153 
# 
loop_
_chem_comp_bond.comp_id 
_chem_comp_bond.atom_id_1 
_chem_comp_bond.atom_id_2 
_chem_comp_bond.value_order 
_chem_comp_bond.pdbx_aromatic_flag 
_chem_comp_bond.pdbx_stereo_config 
_chem_comp_bond.pdbx_ordinal 
APN "C8'" "C7'"  sing N N 1   
APN "C8'" N9     sing N N 2   
APN "C8'" "H8'1" sing N N 3   
APN "C8'" "H8'2" sing N N 4   
APN "C7'" "O7'"  doub N N 5   
APN "C7'" "N4'"  sing N N 6   
APN "C5'" C      sing N N 7   
APN "C5'" "N4'"  sing N N 8   
APN "C5'" "H5'1" sing N N 9   
APN "C5'" "H5'2" sing N N 10  
APN C     O      doub N N 11  
APN C     OXT    sing N N 12  
APN OXT   HXT    sing N N 13  
APN "N4'" "C3'"  sing N N 14  
APN "C3'" "C2'"  sing N N 15  
APN "C3'" "H3'1" sing N N 16  
APN "C3'" "H3'2" sing N N 17  
APN "C2'" N      sing N N 18  
APN "C2'" "H2'1" sing N N 19  
APN "C2'" "H2'2" sing N N 20  
APN N     H      sing N N 21  
APN N     H2     sing N N 22  
APN N     H3     sing N N 23  
APN N9    C8     sing Y N 24  
APN N9    C4     sing Y N 25  
APN C8    N7     doub Y N 26  
APN C8    H8     sing N N 27  
APN N7    C5     sing Y N 28  
APN C5    C6     sing Y N 29  
APN C5    C4     doub Y N 30  
APN C6    N6     sing N N 31  
APN C6    N1     doub Y N 32  
APN N6    HN61   sing N N 33  
APN N6    HN62   sing N N 34  
APN N1    C2     sing Y N 35  
APN C2    N3     doub Y N 36  
APN C2    H21    sing N N 37  
APN N3    C4     sing Y N 38  
CPN "C8'" "C7'"  sing N N 39  
CPN "C8'" N1     sing N N 40  
CPN "C8'" "H8'1" sing N N 41  
CPN "C8'" "H8'2" sing N N 42  
CPN "C7'" "O7'"  doub N N 43  
CPN "C7'" "N4'"  sing N N 44  
CPN "C5'" C      sing N N 45  
CPN "C5'" "N4'"  sing N N 46  
CPN "C5'" "H5'1" sing N N 47  
CPN "C5'" "H5'2" sing N N 48  
CPN C     O      doub N N 49  
CPN C     OXT    sing N N 50  
CPN OXT   HXT    sing N N 51  
CPN "N4'" "C3'"  sing N N 52  
CPN "C3'" "C2'"  sing N N 53  
CPN "C3'" "H3'1" sing N N 54  
CPN "C3'" "H3'2" sing N N 55  
CPN "C2'" N      sing N N 56  
CPN "C2'" "H2'1" sing N N 57  
CPN "C2'" "H2'2" sing N N 58  
CPN N     H      sing N N 59  
CPN N     H2     sing N N 60  
CPN N     H3     sing N N 61  
CPN N1    C2     sing N N 62  
CPN N1    C6     sing N N 63  
CPN C2    N3     sing N N 64  
CPN C2    O2     doub N N 65  
CPN N3    C4     doub N N 66  
CPN C4    C5     sing N N 67  
CPN C4    N4     sing N N 68  
CPN C5    C6     doub N N 69  
CPN C5    H5     sing N N 70  
CPN C6    H6     sing N N 71  
CPN N4    HN41   sing N N 72  
CPN N4    HN42   sing N N 73  
GPN "C8'" "C7'"  sing N N 74  
GPN "C8'" N9     sing N N 75  
GPN "C8'" "H8'1" sing N N 76  
GPN "C8'" "H8'2" sing N N 77  
GPN "C7'" "O7'"  doub N N 78  
GPN "C7'" "N4'"  sing N N 79  
GPN "C5'" C      sing N N 80  
GPN "C5'" "N4'"  sing N N 81  
GPN "C5'" "H5'1" sing N N 82  
GPN "C5'" "H5'2" sing N N 83  
GPN C     O      doub N N 84  
GPN C     OXT    sing N N 85  
GPN OXT   HXT    sing N N 86  
GPN "N4'" "C3'"  sing N N 87  
GPN "C3'" "C2'"  sing N N 88  
GPN "C3'" "H3'1" sing N N 89  
GPN "C3'" "H3'2" sing N N 90  
GPN "C2'" N      sing N N 91  
GPN "C2'" "H2'1" sing N N 92  
GPN "C2'" "H2'2" sing N N 93  
GPN N     H      sing N N 94  
GPN N     H2     sing N N 95  
GPN N     H3     sing N N 96  
GPN N9    C8     sing Y N 97  
GPN N9    C4     sing Y N 98  
GPN C8    N7     doub Y N 99  
GPN C8    H8     sing N N 100 
GPN N7    C5     sing Y N 101 
GPN C5    C6     sing N N 102 
GPN C5    C4     doub Y N 103 
GPN C6    O6     doub N N 104 
GPN C6    N1     sing N N 105 
GPN N1    C2     sing N N 106 
GPN N1    HN1    sing N N 107 
GPN C2    N2     sing N N 108 
GPN C2    N3     doub N N 109 
GPN N2    HN21   sing N N 110 
GPN N2    HN22   sing N N 111 
GPN N3    C4     sing N N 112 
HOH O     H1     sing N N 113 
HOH O     H2     sing N N 114 
NH2 N     HN1    sing N N 115 
NH2 N     HN2    sing N N 116 
TPN "C8'" "C7'"  sing N N 117 
TPN "C8'" N1     sing N N 118 
TPN "C8'" "H8'1" sing N N 119 
TPN "C8'" "H8'2" sing N N 120 
TPN "C7'" "O7'"  doub N N 121 
TPN "C7'" "N4'"  sing N N 122 
TPN "C5'" C      sing N N 123 
TPN "C5'" "N4'"  sing N N 124 
TPN "C5'" "H5'1" sing N N 125 
TPN "C5'" "H5'2" sing N N 126 
TPN C     O      doub N N 127 
TPN C     OXT    sing N N 128 
TPN OXT   HXT    sing N N 129 
TPN "N4'" "C3'"  sing N N 130 
TPN "C3'" "C2'"  sing N N 131 
TPN "C3'" "H3'1" sing N N 132 
TPN "C3'" "H3'2" sing N N 133 
TPN "C2'" N      sing N N 134 
TPN "C2'" "H2'1" sing N N 135 
TPN "C2'" "H2'2" sing N N 136 
TPN N     H      sing N N 137 
TPN N     H2     sing N N 138 
TPN N     H3     sing N N 139 
TPN N1    C6     sing N N 140 
TPN N1    C2     sing N N 141 
TPN C6    C5     doub N N 142 
TPN C6    H6     sing N N 143 
TPN C2    O2     doub N N 144 
TPN C2    N3     sing N N 145 
TPN N3    C4     sing N N 146 
TPN N3    HN3    sing N N 147 
TPN C4    O4     doub N N 148 
TPN C4    C5     sing N N 149 
TPN C5    C5M    sing N N 150 
TPN C5M   HM51   sing N N 151 
TPN C5M   HM52   sing N N 152 
TPN C5M   HM53   sing N N 153 
# 
_ndb_struct_conf_na.entry_id   1PUP 
_ndb_struct_conf_na.feature    'double helix' 
# 
loop_
_ndb_struct_na_base_pair.model_number 
_ndb_struct_na_base_pair.i_label_asym_id 
_ndb_struct_na_base_pair.i_label_comp_id 
_ndb_struct_na_base_pair.i_label_seq_id 
_ndb_struct_na_base_pair.i_symmetry 
_ndb_struct_na_base_pair.j_label_asym_id 
_ndb_struct_na_base_pair.j_label_comp_id 
_ndb_struct_na_base_pair.j_label_seq_id 
_ndb_struct_na_base_pair.j_symmetry 
_ndb_struct_na_base_pair.shear 
_ndb_struct_na_base_pair.stretch 
_ndb_struct_na_base_pair.stagger 
_ndb_struct_na_base_pair.buckle 
_ndb_struct_na_base_pair.propeller 
_ndb_struct_na_base_pair.opening 
_ndb_struct_na_base_pair.pair_number 
_ndb_struct_na_base_pair.pair_name 
_ndb_struct_na_base_pair.i_auth_asym_id 
_ndb_struct_na_base_pair.i_auth_seq_id 
_ndb_struct_na_base_pair.i_PDB_ins_code 
_ndb_struct_na_base_pair.j_auth_asym_id 
_ndb_struct_na_base_pair.j_auth_seq_id 
_ndb_struct_na_base_pair.j_PDB_ins_code 
_ndb_struct_na_base_pair.hbond_type_28 
_ndb_struct_na_base_pair.hbond_type_12 
1 A CPN 1 1_555 B GPN 6 1_555 0.045  -0.105 -0.001 10.313  -8.306 -3.673 1 A_CPN1:GPN13_B A 1 ? B 13 ? 19 1 
1 A GPN 2 1_555 B CPN 5 1_555 -0.142 -0.132 0.014  3.460   -7.788 -1.468 2 A_GPN2:CPN12_B A 2 ? B 12 ? 19 1 
1 A TPN 3 1_555 B APN 4 1_555 -0.150 -0.124 0.216  -4.319  -6.060 0.114  3 A_TPN3:APN11_B A 3 ? B 11 ? 20 1 
1 A APN 4 1_555 B TPN 3 1_555 0.200  -0.088 0.210  5.139   -5.282 -0.387 4 A_APN4:TPN10_B A 4 ? B 10 ? 20 1 
1 A CPN 5 1_555 B GPN 2 1_555 0.115  -0.081 -0.054 -2.534  -6.474 -1.784 5 A_CPN5:GPN9_B  A 5 ? B 9  ? 19 1 
1 A GPN 6 1_555 B CPN 1 1_555 -0.125 -0.126 0.116  -11.868 -9.429 -3.347 6 A_GPN6:CPN8_B  A 6 ? B 8  ? 19 1 
# 
loop_
_ndb_struct_na_base_pair_step.model_number 
_ndb_struct_na_base_pair_step.i_label_asym_id_1 
_ndb_struct_na_base_pair_step.i_label_comp_id_1 
_ndb_struct_na_base_pair_step.i_label_seq_id_1 
_ndb_struct_na_base_pair_step.i_symmetry_1 
_ndb_struct_na_base_pair_step.j_label_asym_id_1 
_ndb_struct_na_base_pair_step.j_label_comp_id_1 
_ndb_struct_na_base_pair_step.j_label_seq_id_1 
_ndb_struct_na_base_pair_step.j_symmetry_1 
_ndb_struct_na_base_pair_step.i_label_asym_id_2 
_ndb_struct_na_base_pair_step.i_label_comp_id_2 
_ndb_struct_na_base_pair_step.i_label_seq_id_2 
_ndb_struct_na_base_pair_step.i_symmetry_2 
_ndb_struct_na_base_pair_step.j_label_asym_id_2 
_ndb_struct_na_base_pair_step.j_label_comp_id_2 
_ndb_struct_na_base_pair_step.j_label_seq_id_2 
_ndb_struct_na_base_pair_step.j_symmetry_2 
_ndb_struct_na_base_pair_step.shift 
_ndb_struct_na_base_pair_step.slide 
_ndb_struct_na_base_pair_step.rise 
_ndb_struct_na_base_pair_step.tilt 
_ndb_struct_na_base_pair_step.roll 
_ndb_struct_na_base_pair_step.twist 
_ndb_struct_na_base_pair_step.x_displacement 
_ndb_struct_na_base_pair_step.y_displacement 
_ndb_struct_na_base_pair_step.helical_rise 
_ndb_struct_na_base_pair_step.inclination 
_ndb_struct_na_base_pair_step.tip 
_ndb_struct_na_base_pair_step.helical_twist 
_ndb_struct_na_base_pair_step.step_number 
_ndb_struct_na_base_pair_step.step_name 
_ndb_struct_na_base_pair_step.i_auth_asym_id_1 
_ndb_struct_na_base_pair_step.i_auth_seq_id_1 
_ndb_struct_na_base_pair_step.i_PDB_ins_code_1 
_ndb_struct_na_base_pair_step.j_auth_asym_id_1 
_ndb_struct_na_base_pair_step.j_auth_seq_id_1 
_ndb_struct_na_base_pair_step.j_PDB_ins_code_1 
_ndb_struct_na_base_pair_step.i_auth_asym_id_2 
_ndb_struct_na_base_pair_step.i_auth_seq_id_2 
_ndb_struct_na_base_pair_step.i_PDB_ins_code_2 
_ndb_struct_na_base_pair_step.j_auth_asym_id_2 
_ndb_struct_na_base_pair_step.j_auth_seq_id_2 
_ndb_struct_na_base_pair_step.j_PDB_ins_code_2 
1 A CPN 1 1_555 B GPN 6 1_555 A GPN 2 1_555 B CPN 5 1_555 0.024  -2.397 3.385 -1.768 8.452  18.375 -10.165 -0.769 2.076 24.771 
5.180  20.287 1 AA_CPN1GPN2:CPN12GPN13_BB A 1 ? B 13 ? A 2 ? B 12 ? 
1 A GPN 2 1_555 B CPN 5 1_555 A TPN 3 1_555 B APN 4 1_555 0.081  -2.980 3.462 -1.163 -1.126 19.250 -8.270  -0.871 3.617 -3.360 
3.469  19.318 2 AA_GPN2TPN3:APN11CPN12_BB A 2 ? B 12 ? A 3 ? B 11 ? 
1 A TPN 3 1_555 B APN 4 1_555 A APN 4 1_555 B TPN 3 1_555 0.114  -2.010 2.988 -0.468 0.430  22.083 -5.394  -0.459 2.946 1.122  
1.220  22.092 3 AA_TPN3APN4:TPN10APN11_BB A 3 ? B 11 ? A 4 ? B 10 ? 
1 A APN 4 1_555 B TPN 3 1_555 A CPN 5 1_555 B GPN 2 1_555 -0.068 -3.070 3.470 1.676  -0.783 17.804 -9.374  1.272  3.578 -2.520 
-5.397 17.899 4 AA_APN4CPN5:GPN9TPN10_BB  A 4 ? B 10 ? A 5 ? B 9  ? 
1 A CPN 5 1_555 B GPN 2 1_555 A GPN 6 1_555 B CPN 1 1_555 -0.321 -2.296 3.415 0.391  8.069  20.904 -8.653  0.960  2.367 21.243 
-1.030 22.395 5 AA_CPN5GPN6:CPN8GPN9_BB   A 5 ? B 9  ? A 6 ? B 8  ? 
# 
_pdbx_entity_nonpoly.entity_id   2 
_pdbx_entity_nonpoly.name        water 
_pdbx_entity_nonpoly.comp_id     HOH 
# 
